data_1QEZ
#
_entry.id   1QEZ
#
_cell.length_a   70.120
_cell.length_b   98.730
_cell.length_c   107.250
_cell.angle_alpha   90.00
_cell.angle_beta   78.01
_cell.angle_gamma   90.00
#
_symmetry.space_group_name_H-M   'P 1 21 1'
#
loop_
_entity.id
_entity.type
_entity.pdbx_description
1 polymer 'PROTEIN (INORGANIC PYROPHOSPHATASE)'
2 non-polymer 'MAGNESIUM ION'
3 water water
#
_entity_poly.entity_id   1
_entity_poly.type   'polypeptide(L)'
_entity_poly.pdbx_seq_one_letter_code
;MKLSPGKNAPDVVNVLVEIPQGSNIKYEYDDEEGVIKVDRVLYTSMNYPFNYGFIPGTLEEDGDPLDVLVITNYQLYPGS
VIEVRPIGILYMKDEEGEDAKIVAVPKDKTDPSFSNIKDINDLPQATKNKIVHFFEHYKELEPGKYVKISGWGSATEAKN
RIQLAIKRVSGGQ
;
_entity_poly.pdbx_strand_id   A,B,C,D,E,F
#
# COMPACT_ATOMS: atom_id res chain seq x y z
N LYS A 2 4.98 -24.26 21.50
CA LYS A 2 3.76 -23.59 22.03
C LYS A 2 2.63 -23.66 21.01
N LEU A 3 2.91 -24.28 19.87
CA LEU A 3 1.93 -24.40 18.80
C LEU A 3 1.83 -25.84 18.34
N SER A 4 0.64 -26.23 17.92
CA SER A 4 0.41 -27.59 17.47
C SER A 4 -0.12 -27.55 16.04
N PRO A 5 -0.20 -28.73 15.40
CA PRO A 5 -0.70 -28.81 14.02
C PRO A 5 -2.21 -28.62 13.95
N GLY A 6 -2.88 -28.80 15.09
CA GLY A 6 -4.33 -28.65 15.10
C GLY A 6 -5.09 -29.88 15.56
N LYS A 7 -6.16 -29.66 16.32
CA LYS A 7 -6.97 -30.75 16.84
C LYS A 7 -7.65 -31.57 15.75
N ASN A 8 -7.82 -30.98 14.56
CA ASN A 8 -8.47 -31.69 13.46
C ASN A 8 -7.56 -32.12 12.33
N ALA A 9 -6.25 -32.17 12.60
CA ALA A 9 -5.30 -32.60 11.58
C ALA A 9 -5.67 -34.02 11.18
N PRO A 10 -5.51 -34.37 9.89
CA PRO A 10 -5.00 -33.54 8.80
C PRO A 10 -6.08 -32.85 7.97
N ASP A 11 -7.33 -32.94 8.40
CA ASP A 11 -8.42 -32.31 7.65
C ASP A 11 -8.34 -30.79 7.69
N VAL A 12 -7.86 -30.26 8.81
CA VAL A 12 -7.67 -28.83 8.99
C VAL A 12 -6.42 -28.68 9.82
N VAL A 13 -5.45 -27.91 9.35
CA VAL A 13 -4.22 -27.74 10.12
C VAL A 13 -3.82 -26.27 10.31
N ASN A 14 -3.00 -26.04 11.33
CA ASN A 14 -2.50 -24.71 11.65
C ASN A 14 -1.29 -24.42 10.78
N VAL A 15 -1.23 -23.21 10.25
CA VAL A 15 -0.10 -22.81 9.42
C VAL A 15 0.40 -21.48 9.98
N LEU A 16 1.68 -21.44 10.37
CA LEU A 16 2.28 -20.21 10.87
C LEU A 16 2.84 -19.51 9.64
N VAL A 17 2.27 -18.35 9.28
CA VAL A 17 2.74 -17.64 8.09
C VAL A 17 4.10 -16.97 8.25
N GLU A 18 4.96 -17.17 7.24
CA GLU A 18 6.30 -16.59 7.26
C GLU A 18 6.40 -15.52 6.20
N ILE A 19 5.92 -15.85 5.00
CA ILE A 19 5.98 -14.91 3.89
C ILE A 19 4.61 -14.51 3.39
N PRO A 20 4.25 -13.22 3.56
CA PRO A 20 2.94 -12.79 3.09
C PRO A 20 2.90 -12.84 1.58
N GLN A 21 1.73 -13.08 1.04
CA GLN A 21 1.55 -13.15 -0.39
C GLN A 21 1.92 -11.82 -1.04
N GLY A 22 2.53 -11.91 -2.23
CA GLY A 22 2.92 -10.72 -2.94
C GLY A 22 4.32 -10.25 -2.56
N SER A 23 4.83 -10.79 -1.46
CA SER A 23 6.14 -10.44 -0.96
C SER A 23 7.28 -10.91 -1.86
N ASN A 24 8.39 -10.19 -1.80
CA ASN A 24 9.56 -10.53 -2.59
C ASN A 24 10.76 -10.61 -1.65
N ILE A 25 10.46 -10.70 -0.36
CA ILE A 25 11.47 -10.82 0.68
C ILE A 25 11.20 -12.17 1.36
N LYS A 26 12.20 -13.02 1.39
CA LYS A 26 12.05 -14.34 2.00
C LYS A 26 12.29 -14.32 3.49
N TYR A 27 11.20 -14.27 4.26
CA TYR A 27 11.28 -14.29 5.71
C TYR A 27 11.34 -15.75 6.15
N GLU A 28 11.94 -16.01 7.30
CA GLU A 28 12.02 -17.37 7.81
C GLU A 28 11.89 -17.31 9.33
N TYR A 29 10.98 -18.13 9.87
CA TYR A 29 10.78 -18.14 11.30
C TYR A 29 11.87 -18.96 11.98
N ASP A 30 12.54 -18.37 12.97
CA ASP A 30 13.60 -19.06 13.69
C ASP A 30 13.06 -19.45 15.06
N ASP A 31 12.71 -20.73 15.22
CA ASP A 31 12.17 -21.24 16.48
C ASP A 31 13.11 -21.07 17.65
N GLU A 32 14.41 -21.14 17.38
CA GLU A 32 15.42 -20.97 18.43
C GLU A 32 15.29 -19.57 19.03
N GLU A 33 15.69 -18.56 18.27
CA GLU A 33 15.62 -17.18 18.71
C GLU A 33 14.18 -16.72 18.90
N GLY A 34 13.26 -17.42 18.24
CA GLY A 34 11.85 -17.08 18.33
C GLY A 34 11.47 -15.81 17.60
N VAL A 35 12.15 -15.54 16.49
CA VAL A 35 11.87 -14.33 15.71
C VAL A 35 11.75 -14.63 14.24
N ILE A 36 11.21 -13.69 13.49
CA ILE A 36 11.08 -13.82 12.04
C ILE A 36 12.35 -13.15 11.47
N LYS A 37 13.19 -13.94 10.81
CA LYS A 37 14.45 -13.44 10.22
C LYS A 37 14.38 -13.20 8.72
N VAL A 38 15.08 -12.18 8.24
CA VAL A 38 15.09 -11.91 6.81
C VAL A 38 16.20 -12.77 6.22
N ASP A 39 15.83 -13.87 5.57
CA ASP A 39 16.83 -14.74 4.97
C ASP A 39 17.51 -14.05 3.81
N ARG A 40 16.71 -13.59 2.85
CA ARG A 40 17.24 -12.91 1.68
C ARG A 40 16.14 -12.29 0.84
N VAL A 41 16.50 -11.22 0.13
CA VAL A 41 15.58 -10.51 -0.75
C VAL A 41 15.74 -11.13 -2.14
N LEU A 42 14.70 -11.81 -2.62
CA LEU A 42 14.74 -12.47 -3.91
C LEU A 42 15.58 -11.71 -4.93
N TYR A 43 16.56 -12.41 -5.52
CA TYR A 43 17.46 -11.84 -6.52
C TYR A 43 16.75 -11.62 -7.85
N THR A 44 15.60 -12.24 -8.01
CA THR A 44 14.84 -12.13 -9.24
C THR A 44 13.66 -11.19 -9.00
N SER A 45 13.11 -10.65 -10.08
CA SER A 45 11.97 -9.74 -9.98
C SER A 45 10.65 -10.51 -9.91
N MET A 46 10.54 -11.37 -8.90
CA MET A 46 9.34 -12.18 -8.70
C MET A 46 8.81 -11.98 -7.30
N ASN A 47 7.63 -12.52 -7.02
CA ASN A 47 7.04 -12.41 -5.69
C ASN A 47 6.16 -13.63 -5.42
N TYR A 48 6.11 -14.04 -4.16
CA TYR A 48 5.33 -15.20 -3.75
C TYR A 48 3.86 -15.09 -4.14
N PRO A 49 3.39 -16.03 -5.00
CA PRO A 49 2.00 -16.07 -5.46
C PRO A 49 1.07 -16.73 -4.44
N PHE A 50 1.48 -16.71 -3.17
CA PHE A 50 0.71 -17.31 -2.09
C PHE A 50 1.36 -16.98 -0.76
N ASN A 51 0.64 -17.20 0.32
CA ASN A 51 1.17 -16.97 1.65
C ASN A 51 1.95 -18.25 1.93
N TYR A 52 3.17 -18.10 2.42
CA TYR A 52 4.01 -19.25 2.67
C TYR A 52 4.30 -19.43 4.15
N GLY A 53 4.30 -20.68 4.59
CA GLY A 53 4.56 -20.97 6.00
C GLY A 53 4.71 -22.47 6.22
N PHE A 54 4.68 -22.88 7.48
CA PHE A 54 4.83 -24.29 7.81
C PHE A 54 3.85 -24.74 8.90
N ILE A 55 3.57 -26.04 8.95
CA ILE A 55 2.68 -26.59 9.95
C ILE A 55 3.50 -26.88 11.20
N PRO A 56 3.27 -26.14 12.28
CA PRO A 56 4.05 -26.40 13.49
C PRO A 56 3.82 -27.81 14.02
N GLY A 57 4.83 -28.40 14.65
CA GLY A 57 4.68 -29.74 15.18
C GLY A 57 4.71 -30.88 14.17
N THR A 58 5.39 -30.67 13.05
CA THR A 58 5.53 -31.70 12.04
C THR A 58 6.99 -31.81 11.64
N LEU A 59 7.41 -32.97 11.17
CA LEU A 59 8.80 -33.17 10.77
C LEU A 59 8.87 -34.04 9.53
N GLU A 60 9.63 -33.58 8.55
CA GLU A 60 9.79 -34.31 7.30
C GLU A 60 11.16 -35.02 7.31
N GLU A 61 11.37 -35.89 6.33
CA GLU A 61 12.63 -36.62 6.22
C GLU A 61 13.84 -35.70 6.09
N ASP A 62 13.61 -34.46 5.66
CA ASP A 62 14.68 -33.49 5.49
C ASP A 62 14.98 -32.75 6.78
N GLY A 63 14.39 -33.22 7.88
CA GLY A 63 14.62 -32.60 9.18
C GLY A 63 13.88 -31.30 9.44
N ASP A 64 13.11 -30.85 8.46
CA ASP A 64 12.35 -29.61 8.59
C ASP A 64 10.85 -29.85 8.67
N PRO A 65 10.11 -28.90 9.25
CA PRO A 65 8.65 -29.06 9.34
C PRO A 65 8.08 -29.02 7.93
N LEU A 66 6.85 -29.50 7.78
CA LEU A 66 6.20 -29.53 6.46
C LEU A 66 5.72 -28.13 6.04
N ASP A 67 6.08 -27.73 4.82
CA ASP A 67 5.68 -26.44 4.28
C ASP A 67 4.28 -26.42 3.70
N VAL A 68 3.69 -25.23 3.64
CA VAL A 68 2.35 -25.05 3.10
C VAL A 68 2.26 -23.78 2.26
N LEU A 69 1.58 -23.91 1.12
CA LEU A 69 1.36 -22.79 0.22
C LEU A 69 -0.10 -22.42 0.43
N VAL A 70 -0.37 -21.41 1.25
CA VAL A 70 -1.74 -20.99 1.52
C VAL A 70 -2.24 -20.05 0.42
N ILE A 71 -3.28 -20.48 -0.29
CA ILE A 71 -3.83 -19.70 -1.37
C ILE A 71 -5.01 -18.84 -0.96
N THR A 72 -4.87 -17.52 -1.10
CA THR A 72 -5.90 -16.55 -0.77
C THR A 72 -5.71 -15.38 -1.71
N ASN A 73 -6.56 -14.37 -1.62
CA ASN A 73 -6.39 -13.20 -2.48
C ASN A 73 -6.14 -11.99 -1.59
N TYR A 74 -5.40 -12.24 -0.52
CA TYR A 74 -5.04 -11.20 0.44
C TYR A 74 -3.82 -11.67 1.19
N GLN A 75 -3.10 -10.75 1.82
CA GLN A 75 -1.91 -11.13 2.57
C GLN A 75 -2.18 -11.22 4.05
N LEU A 76 -1.40 -12.08 4.70
CA LEU A 76 -1.51 -12.28 6.13
C LEU A 76 -0.21 -11.75 6.72
N TYR A 77 -0.19 -11.44 8.01
CA TYR A 77 0.99 -10.91 8.65
C TYR A 77 1.99 -11.99 9.03
N PRO A 78 3.29 -11.74 8.76
CA PRO A 78 4.31 -12.72 9.11
C PRO A 78 4.16 -13.06 10.58
N GLY A 79 4.19 -14.34 10.91
CA GLY A 79 4.07 -14.72 12.32
C GLY A 79 2.64 -14.96 12.80
N SER A 80 1.66 -14.83 11.93
CA SER A 80 0.28 -15.08 12.32
C SER A 80 -0.08 -16.52 11.94
N VAL A 81 -1.04 -17.09 12.65
CA VAL A 81 -1.45 -18.47 12.39
C VAL A 81 -2.83 -18.49 11.73
N ILE A 82 -2.98 -19.34 10.72
CA ILE A 82 -4.27 -19.47 10.04
C ILE A 82 -4.61 -20.97 9.90
N GLU A 83 -5.90 -21.29 9.92
CA GLU A 83 -6.33 -22.68 9.80
C GLU A 83 -6.68 -22.95 8.35
N VAL A 84 -5.99 -23.93 7.76
CA VAL A 84 -6.21 -24.26 6.36
C VAL A 84 -6.71 -25.67 6.10
N ARG A 85 -7.15 -25.88 4.88
CA ARG A 85 -7.65 -27.16 4.40
C ARG A 85 -6.69 -27.61 3.32
N PRO A 86 -5.99 -28.74 3.53
CA PRO A 86 -5.08 -29.16 2.46
C PRO A 86 -5.90 -29.57 1.24
N ILE A 87 -5.49 -29.13 0.05
CA ILE A 87 -6.20 -29.50 -1.16
C ILE A 87 -5.28 -30.22 -2.15
N GLY A 88 -4.00 -30.30 -1.80
CA GLY A 88 -3.07 -30.96 -2.68
C GLY A 88 -1.65 -30.93 -2.14
N ILE A 89 -0.71 -31.38 -2.96
CA ILE A 89 0.70 -31.42 -2.59
C ILE A 89 1.51 -31.20 -3.85
N LEU A 90 2.66 -30.54 -3.72
CA LEU A 90 3.52 -30.26 -4.86
C LEU A 90 4.86 -30.95 -4.64
N TYR A 91 5.24 -31.80 -5.58
CA TYR A 91 6.49 -32.54 -5.50
C TYR A 91 7.57 -31.88 -6.33
N MET A 92 8.75 -31.73 -5.76
CA MET A 92 9.86 -31.09 -6.46
C MET A 92 11.22 -31.56 -5.98
N LYS A 93 12.24 -31.23 -6.75
CA LYS A 93 13.62 -31.58 -6.42
C LYS A 93 14.49 -30.33 -6.60
N ASP A 94 15.34 -30.07 -5.63
CA ASP A 94 16.22 -28.91 -5.70
C ASP A 94 17.67 -29.35 -5.47
N GLU A 95 18.58 -28.39 -5.32
CA GLU A 95 19.99 -28.70 -5.12
C GLU A 95 20.23 -29.57 -3.88
N GLU A 96 19.30 -29.53 -2.93
CA GLU A 96 19.42 -30.31 -1.69
C GLU A 96 18.81 -31.70 -1.80
N GLY A 97 17.94 -31.89 -2.78
CA GLY A 97 17.32 -33.18 -2.95
C GLY A 97 15.82 -33.12 -3.17
N GLU A 98 15.11 -34.11 -2.64
CA GLU A 98 13.67 -34.19 -2.78
C GLU A 98 12.94 -33.28 -1.82
N ASP A 99 11.77 -32.83 -2.24
CA ASP A 99 10.95 -31.98 -1.41
C ASP A 99 9.48 -31.97 -1.82
N ALA A 100 8.60 -31.78 -0.84
CA ALA A 100 7.17 -31.74 -1.06
C ALA A 100 6.58 -30.60 -0.25
N LYS A 101 5.65 -29.87 -0.85
CA LYS A 101 5.00 -28.74 -0.20
C LYS A 101 3.48 -28.84 -0.30
N ILE A 102 2.80 -28.76 0.84
CA ILE A 102 1.34 -28.86 0.87
C ILE A 102 0.70 -27.61 0.24
N VAL A 103 -0.42 -27.80 -0.45
CA VAL A 103 -1.13 -26.67 -1.04
C VAL A 103 -2.48 -26.62 -0.31
N ALA A 104 -2.84 -25.46 0.21
CA ALA A 104 -4.09 -25.36 0.96
C ALA A 104 -4.82 -24.03 0.79
N VAL A 105 -6.08 -24.01 1.19
CA VAL A 105 -6.90 -22.80 1.14
C VAL A 105 -7.40 -22.64 2.57
N PRO A 106 -7.87 -21.44 2.93
CA PRO A 106 -8.35 -21.26 4.31
C PRO A 106 -9.53 -22.19 4.62
N LYS A 107 -9.66 -22.62 5.87
CA LYS A 107 -10.77 -23.49 6.23
C LYS A 107 -12.06 -22.72 5.98
N ASP A 108 -13.12 -23.43 5.61
CA ASP A 108 -14.41 -22.82 5.28
C ASP A 108 -14.95 -21.71 6.17
N LYS A 109 -14.92 -21.88 7.48
CA LYS A 109 -15.47 -20.83 8.35
C LYS A 109 -14.56 -19.61 8.39
N THR A 110 -13.29 -19.77 8.03
CA THR A 110 -12.37 -18.66 8.01
C THR A 110 -12.60 -17.83 6.74
N ASP A 111 -12.87 -18.51 5.62
CA ASP A 111 -13.11 -17.81 4.36
C ASP A 111 -13.95 -18.71 3.44
N PRO A 112 -15.28 -18.57 3.52
CA PRO A 112 -16.19 -19.36 2.71
C PRO A 112 -16.10 -19.17 1.19
N SER A 113 -15.26 -18.26 0.72
CA SER A 113 -15.20 -18.07 -0.73
C SER A 113 -14.25 -19.06 -1.39
N PHE A 114 -13.66 -19.95 -0.62
CA PHE A 114 -12.75 -20.96 -1.17
C PHE A 114 -13.34 -22.35 -0.93
N SER A 115 -14.62 -22.38 -0.56
CA SER A 115 -15.32 -23.62 -0.28
C SER A 115 -15.49 -24.57 -1.46
N ASN A 116 -15.56 -24.01 -2.66
CA ASN A 116 -15.72 -24.83 -3.85
C ASN A 116 -14.40 -25.51 -4.27
N ILE A 117 -13.27 -24.98 -3.80
CA ILE A 117 -11.96 -25.54 -4.13
C ILE A 117 -11.69 -26.65 -3.15
N LYS A 118 -11.98 -27.88 -3.52
CA LYS A 118 -11.76 -29.00 -2.59
C LYS A 118 -10.53 -29.84 -2.90
N ASP A 119 -10.06 -29.75 -4.14
CA ASP A 119 -8.88 -30.49 -4.54
C ASP A 119 -8.02 -29.72 -5.56
N ILE A 120 -6.78 -30.16 -5.70
CA ILE A 120 -5.83 -29.52 -6.60
C ILE A 120 -6.36 -29.28 -8.02
N ASN A 121 -7.26 -30.15 -8.48
CA ASN A 121 -7.80 -29.99 -9.82
C ASN A 121 -8.88 -28.93 -9.92
N ASP A 122 -9.18 -28.30 -8.77
CA ASP A 122 -10.19 -27.26 -8.71
C ASP A 122 -9.55 -25.92 -9.01
N LEU A 123 -8.22 -25.89 -8.99
CA LEU A 123 -7.47 -24.67 -9.27
C LEU A 123 -7.34 -24.45 -10.76
N PRO A 124 -7.50 -23.20 -11.23
CA PRO A 124 -7.38 -22.92 -12.67
C PRO A 124 -6.01 -23.36 -13.17
N GLN A 125 -5.92 -23.84 -14.41
CA GLN A 125 -4.64 -24.27 -14.96
C GLN A 125 -3.62 -23.13 -14.88
N ALA A 126 -4.08 -21.91 -15.18
CA ALA A 126 -3.23 -20.72 -15.15
C ALA A 126 -2.57 -20.53 -13.80
N THR A 127 -3.32 -20.78 -12.73
CA THR A 127 -2.79 -20.63 -11.37
C THR A 127 -1.71 -21.66 -11.08
N LYS A 128 -1.92 -22.89 -11.54
CA LYS A 128 -0.95 -23.96 -11.33
C LYS A 128 0.35 -23.66 -12.08
N ASN A 129 0.21 -23.19 -13.32
CA ASN A 129 1.36 -22.86 -14.15
C ASN A 129 2.17 -21.74 -13.51
N LYS A 130 1.47 -20.75 -12.96
CA LYS A 130 2.13 -19.63 -12.30
C LYS A 130 2.96 -20.12 -11.11
N ILE A 131 2.35 -20.95 -10.26
CA ILE A 131 3.05 -21.49 -9.09
C ILE A 131 4.26 -22.33 -9.51
N VAL A 132 4.08 -23.21 -10.49
CA VAL A 132 5.18 -24.04 -10.93
C VAL A 132 6.32 -23.18 -11.48
N HIS A 133 5.97 -22.23 -12.36
CA HIS A 133 6.96 -21.34 -12.95
C HIS A 133 7.69 -20.59 -11.86
N PHE A 134 6.97 -20.15 -10.83
CA PHE A 134 7.60 -19.42 -9.74
C PHE A 134 8.73 -20.22 -9.08
N PHE A 135 8.42 -21.42 -8.62
CA PHE A 135 9.42 -22.25 -7.97
C PHE A 135 10.61 -22.58 -8.84
N GLU A 136 10.38 -22.70 -10.15
CA GLU A 136 11.45 -23.02 -11.07
C GLU A 136 12.32 -21.84 -11.52
N HIS A 137 11.97 -20.62 -11.12
CA HIS A 137 12.76 -19.48 -11.55
C HIS A 137 13.15 -18.46 -10.49
N TYR A 138 12.51 -18.49 -9.33
CA TYR A 138 12.82 -17.49 -8.32
C TYR A 138 14.21 -17.61 -7.68
N LYS A 139 14.85 -18.76 -7.78
CA LYS A 139 16.19 -18.94 -7.18
C LYS A 139 17.28 -19.02 -8.25
N GLU A 140 16.89 -19.03 -9.51
CA GLU A 140 17.82 -19.10 -10.63
C GLU A 140 19.10 -18.27 -10.48
N LEU A 141 18.94 -16.97 -10.22
CA LEU A 141 20.08 -16.08 -10.07
C LEU A 141 20.94 -16.35 -8.84
N GLU A 142 20.52 -17.28 -7.99
CA GLU A 142 21.31 -17.60 -6.80
C GLU A 142 22.27 -18.71 -7.20
N PRO A 143 23.58 -18.50 -6.98
CA PRO A 143 24.64 -19.45 -7.31
C PRO A 143 24.49 -20.86 -6.77
N GLY A 144 24.39 -21.83 -7.67
CA GLY A 144 24.29 -23.22 -7.26
C GLY A 144 22.94 -23.73 -6.78
N LYS A 145 21.90 -22.93 -6.89
CA LYS A 145 20.60 -23.38 -6.47
C LYS A 145 19.77 -23.62 -7.72
N TYR A 146 18.73 -24.44 -7.55
CA TYR A 146 17.83 -24.75 -8.64
C TYR A 146 16.67 -25.59 -8.13
N VAL A 147 15.57 -25.57 -8.88
CA VAL A 147 14.37 -26.32 -8.51
C VAL A 147 13.68 -26.87 -9.74
N LYS A 148 13.21 -28.11 -9.64
CA LYS A 148 12.51 -28.75 -10.75
C LYS A 148 11.26 -29.42 -10.19
N ILE A 149 10.09 -29.05 -10.72
CA ILE A 149 8.83 -29.62 -10.25
C ILE A 149 8.58 -31.01 -10.81
N SER A 150 8.35 -31.97 -9.91
CA SER A 150 8.07 -33.35 -10.30
C SER A 150 6.61 -33.48 -10.74
N GLY A 151 5.70 -33.07 -9.87
CA GLY A 151 4.30 -33.15 -10.21
C GLY A 151 3.42 -32.79 -9.03
N TRP A 152 2.11 -32.91 -9.22
CA TRP A 152 1.12 -32.61 -8.19
C TRP A 152 0.49 -33.85 -7.54
N GLY A 153 -0.06 -33.67 -6.35
CA GLY A 153 -0.71 -34.75 -5.64
C GLY A 153 -2.10 -34.30 -5.23
N SER A 154 -3.00 -35.25 -5.00
CA SER A 154 -4.37 -34.94 -4.61
C SER A 154 -4.46 -34.61 -3.12
N ALA A 155 -5.63 -34.13 -2.71
CA ALA A 155 -5.86 -33.78 -1.31
C ALA A 155 -5.63 -34.96 -0.37
N THR A 156 -6.08 -36.14 -0.80
CA THR A 156 -5.93 -37.35 0.02
C THR A 156 -4.46 -37.62 0.26
N GLU A 157 -3.69 -37.45 -0.80
CA GLU A 157 -2.26 -37.65 -0.75
C GLU A 157 -1.67 -36.69 0.28
N ALA A 158 -2.02 -35.41 0.15
CA ALA A 158 -1.54 -34.37 1.05
C ALA A 158 -1.88 -34.69 2.50
N LYS A 159 -3.12 -35.14 2.73
CA LYS A 159 -3.56 -35.47 4.10
C LYS A 159 -2.68 -36.56 4.73
N ASN A 160 -2.19 -37.48 3.90
CA ASN A 160 -1.33 -38.56 4.36
C ASN A 160 0.03 -38.04 4.78
N ARG A 161 0.62 -37.23 3.90
CA ARG A 161 1.93 -36.64 4.13
C ARG A 161 1.91 -35.92 5.48
N ILE A 162 0.81 -35.21 5.74
CA ILE A 162 0.65 -34.47 6.99
C ILE A 162 0.57 -35.43 8.16
N GLN A 163 -0.11 -36.55 7.97
CA GLN A 163 -0.26 -37.56 9.02
C GLN A 163 1.10 -38.10 9.47
N LEU A 164 1.93 -38.47 8.49
CA LEU A 164 3.25 -38.99 8.78
C LEU A 164 4.09 -37.93 9.46
N ALA A 165 4.13 -36.75 8.84
CA ALA A 165 4.89 -35.62 9.38
C ALA A 165 4.56 -35.37 10.83
N ILE A 166 3.30 -35.57 11.20
CA ILE A 166 2.90 -35.36 12.59
C ILE A 166 3.37 -36.52 13.45
N LYS A 167 3.23 -37.73 12.91
CA LYS A 167 3.61 -38.95 13.60
C LYS A 167 5.09 -38.94 13.98
N ARG A 168 5.92 -38.51 13.04
CA ARG A 168 7.37 -38.43 13.26
C ARG A 168 7.71 -37.67 14.52
N VAL A 169 6.99 -36.57 14.75
CA VAL A 169 7.24 -35.75 15.94
C VAL A 169 6.52 -36.37 17.13
N SER A 170 5.33 -36.93 16.89
CA SER A 170 4.58 -37.57 17.95
C SER A 170 5.38 -38.80 18.43
N GLY A 171 6.22 -39.30 17.64
N LYS B 2 2.53 -10.54 31.02
CA LYS B 2 3.76 -9.71 30.85
C LYS B 2 3.39 -8.28 30.52
N LEU B 3 2.09 -8.01 30.45
CA LEU B 3 1.59 -6.68 30.14
C LEU B 3 0.57 -6.24 31.15
N SER B 4 0.53 -4.94 31.41
CA SER B 4 -0.40 -4.39 32.38
C SER B 4 -1.28 -3.36 31.69
N PRO B 5 -2.33 -2.89 32.39
CA PRO B 5 -3.22 -1.88 31.82
C PRO B 5 -2.58 -0.50 31.79
N GLY B 6 -1.53 -0.32 32.59
CA GLY B 6 -0.86 0.97 32.62
C GLY B 6 -0.83 1.62 33.99
N LYS B 7 0.30 2.28 34.30
CA LYS B 7 0.48 2.94 35.58
C LYS B 7 -0.49 4.10 35.81
N ASN B 8 -1.06 4.63 34.73
CA ASN B 8 -1.99 5.76 34.87
C ASN B 8 -3.46 5.42 34.58
N ALA B 9 -3.79 4.13 34.62
CA ALA B 9 -5.17 3.72 34.37
C ALA B 9 -6.01 4.37 35.45
N PRO B 10 -7.25 4.77 35.11
CA PRO B 10 -7.89 4.65 33.79
C PRO B 10 -7.75 5.88 32.88
N ASP B 11 -6.97 6.87 33.31
CA ASP B 11 -6.81 8.08 32.52
C ASP B 11 -6.07 7.80 31.22
N VAL B 12 -5.14 6.87 31.27
CA VAL B 12 -4.37 6.46 30.11
C VAL B 12 -4.14 4.97 30.27
N VAL B 13 -4.51 4.19 29.25
CA VAL B 13 -4.32 2.74 29.35
C VAL B 13 -3.61 2.13 28.14
N ASN B 14 -3.03 0.94 28.35
CA ASN B 14 -2.32 0.23 27.30
C ASN B 14 -3.33 -0.56 26.51
N VAL B 15 -3.18 -0.55 25.20
CA VAL B 15 -4.05 -1.31 24.32
C VAL B 15 -3.17 -2.16 23.40
N LEU B 16 -3.37 -3.46 23.42
CA LEU B 16 -2.61 -4.34 22.56
C LEU B 16 -3.44 -4.46 21.28
N VAL B 17 -2.92 -3.94 20.16
CA VAL B 17 -3.67 -3.96 18.91
C VAL B 17 -3.75 -5.35 18.28
N GLU B 18 -4.96 -5.70 17.83
CA GLU B 18 -5.20 -7.00 17.20
C GLU B 18 -5.55 -6.78 15.74
N ILE B 19 -6.43 -5.82 15.48
CA ILE B 19 -6.86 -5.56 14.11
C ILE B 19 -6.50 -4.15 13.68
N PRO B 20 -5.59 -4.04 12.70
CA PRO B 20 -5.22 -2.71 12.23
C PRO B 20 -6.40 -2.07 11.53
N GLN B 21 -6.48 -0.75 11.60
CA GLN B 21 -7.54 -0.02 10.96
C GLN B 21 -7.54 -0.25 9.45
N GLY B 22 -8.73 -0.34 8.87
CA GLY B 22 -8.85 -0.56 7.44
C GLY B 22 -8.89 -2.02 7.10
N SER B 23 -8.48 -2.86 8.04
CA SER B 23 -8.46 -4.29 7.84
C SER B 23 -9.85 -4.93 7.67
N ASN B 24 -9.88 -6.05 6.96
CA ASN B 24 -11.13 -6.77 6.75
C ASN B 24 -10.92 -8.23 7.14
N ILE B 25 -9.85 -8.45 7.91
CA ILE B 25 -9.51 -9.77 8.42
C ILE B 25 -9.54 -9.64 9.94
N LYS B 26 -10.34 -10.47 10.59
CA LYS B 26 -10.45 -10.42 12.04
C LYS B 26 -9.38 -11.24 12.74
N TYR B 27 -8.35 -10.55 13.20
CA TYR B 27 -7.24 -11.18 13.92
C TYR B 27 -7.64 -11.25 15.39
N GLU B 28 -7.09 -12.23 16.09
CA GLU B 28 -7.37 -12.42 17.50
C GLU B 28 -6.10 -12.83 18.21
N TYR B 29 -5.80 -12.15 19.31
CA TYR B 29 -4.60 -12.50 20.06
C TYR B 29 -4.92 -13.66 20.98
N ASP B 30 -4.14 -14.74 20.89
CA ASP B 30 -4.36 -15.90 21.74
C ASP B 30 -3.27 -15.91 22.82
N ASP B 31 -3.65 -15.51 24.03
CA ASP B 31 -2.71 -15.45 25.17
C ASP B 31 -2.09 -16.79 25.49
N GLU B 32 -2.85 -17.86 25.30
CA GLU B 32 -2.35 -19.22 25.56
C GLU B 32 -1.15 -19.49 24.66
N GLU B 33 -1.41 -19.68 23.38
CA GLU B 33 -0.35 -19.94 22.40
C GLU B 33 0.60 -18.75 22.25
N GLY B 34 0.12 -17.57 22.63
CA GLY B 34 0.92 -16.37 22.54
C GLY B 34 1.11 -15.88 21.11
N VAL B 35 0.13 -16.11 20.26
CA VAL B 35 0.22 -15.67 18.86
C VAL B 35 -1.03 -14.94 18.40
N ILE B 36 -0.92 -14.27 17.26
CA ILE B 36 -2.04 -13.56 16.67
C ILE B 36 -2.64 -14.55 15.68
N LYS B 37 -3.89 -14.95 15.91
CA LYS B 37 -4.57 -15.92 15.05
C LYS B 37 -5.58 -15.26 14.11
N VAL B 38 -5.77 -15.86 12.95
CA VAL B 38 -6.75 -15.34 12.01
C VAL B 38 -8.05 -16.03 12.33
N ASP B 39 -8.97 -15.31 12.99
CA ASP B 39 -10.26 -15.88 13.35
C ASP B 39 -11.07 -16.12 12.09
N ARG B 40 -11.22 -15.07 11.31
CA ARG B 40 -11.97 -15.15 10.07
C ARG B 40 -11.84 -13.90 9.23
N VAL B 41 -12.12 -14.06 7.94
CA VAL B 41 -12.08 -12.97 6.99
C VAL B 41 -13.52 -12.49 6.83
N LEU B 42 -13.82 -11.30 7.31
CA LEU B 42 -15.17 -10.74 7.22
C LEU B 42 -15.92 -11.20 5.98
N TYR B 43 -17.11 -11.77 6.18
CA TYR B 43 -17.94 -12.27 5.07
C TYR B 43 -18.59 -11.12 4.30
N THR B 44 -18.57 -9.93 4.89
CA THR B 44 -19.15 -8.77 4.25
C THR B 44 -18.03 -7.89 3.70
N SER B 45 -18.38 -7.02 2.76
CA SER B 45 -17.41 -6.14 2.15
C SER B 45 -17.22 -4.88 2.98
N MET B 46 -16.79 -5.06 4.23
CA MET B 46 -16.56 -3.95 5.15
C MET B 46 -15.18 -4.06 5.73
N ASN B 47 -14.77 -3.03 6.47
CA ASN B 47 -13.46 -3.03 7.11
C ASN B 47 -13.50 -2.19 8.38
N TYR B 48 -12.70 -2.59 9.37
CA TYR B 48 -12.65 -1.91 10.64
C TYR B 48 -12.32 -0.43 10.53
N PRO B 49 -13.25 0.44 10.96
CA PRO B 49 -13.08 1.90 10.91
C PRO B 49 -12.26 2.41 12.09
N PHE B 50 -11.43 1.53 12.66
CA PHE B 50 -10.60 1.87 13.80
C PHE B 50 -9.66 0.73 14.09
N ASN B 51 -8.63 0.99 14.91
CA ASN B 51 -7.70 -0.06 15.31
C ASN B 51 -8.42 -0.74 16.48
N TYR B 52 -8.48 -2.05 16.44
CA TYR B 52 -9.17 -2.79 17.48
C TYR B 52 -8.23 -3.63 18.33
N GLY B 53 -8.49 -3.64 19.63
CA GLY B 53 -7.66 -4.40 20.54
C GLY B 53 -8.27 -4.45 21.92
N PHE B 54 -7.49 -4.89 22.91
CA PHE B 54 -7.99 -4.98 24.28
C PHE B 54 -6.99 -4.47 25.31
N ILE B 55 -7.49 -4.09 26.48
CA ILE B 55 -6.64 -3.61 27.55
C ILE B 55 -6.14 -4.82 28.32
N PRO B 56 -4.83 -5.12 28.24
CA PRO B 56 -4.35 -6.28 28.99
C PRO B 56 -4.53 -6.12 30.49
N GLY B 57 -4.77 -7.22 31.20
CA GLY B 57 -4.93 -7.14 32.65
C GLY B 57 -6.28 -6.63 33.13
N THR B 58 -7.33 -6.85 32.33
CA THR B 58 -8.67 -6.44 32.71
C THR B 58 -9.60 -7.61 32.45
N LEU B 59 -10.70 -7.66 33.17
CA LEU B 59 -11.67 -8.74 32.99
C LEU B 59 -13.10 -8.21 33.12
N GLU B 60 -13.93 -8.58 32.15
CA GLU B 60 -15.33 -8.15 32.16
C GLU B 60 -16.21 -9.31 32.61
N GLU B 61 -17.48 -9.02 32.86
CA GLU B 61 -18.43 -10.05 33.29
C GLU B 61 -18.58 -11.20 32.30
N ASP B 62 -18.18 -10.96 31.05
CA ASP B 62 -18.26 -11.98 30.01
C ASP B 62 -17.02 -12.87 29.98
N GLY B 63 -16.16 -12.69 30.98
CA GLY B 63 -14.95 -13.48 31.08
C GLY B 63 -13.81 -13.07 30.16
N ASP B 64 -14.03 -12.04 29.36
CA ASP B 64 -13.01 -11.54 28.44
C ASP B 64 -12.48 -10.18 28.85
N PRO B 65 -11.27 -9.82 28.40
CA PRO B 65 -10.70 -8.53 28.75
C PRO B 65 -11.54 -7.45 28.09
N LEU B 66 -11.40 -6.21 28.54
CA LEU B 66 -12.17 -5.09 27.99
C LEU B 66 -11.63 -4.64 26.62
N ASP B 67 -12.51 -4.54 25.62
CA ASP B 67 -12.12 -4.13 24.28
C ASP B 67 -12.00 -2.62 24.13
N VAL B 68 -11.21 -2.19 23.15
CA VAL B 68 -11.03 -0.78 22.87
C VAL B 68 -11.02 -0.51 21.37
N LEU B 69 -11.71 0.56 20.98
CA LEU B 69 -11.77 1.01 19.59
C LEU B 69 -10.82 2.21 19.53
N VAL B 70 -9.60 2.00 19.07
CA VAL B 70 -8.63 3.10 19.01
C VAL B 70 -8.81 3.87 17.71
N ILE B 71 -9.15 5.15 17.83
CA ILE B 71 -9.40 6.00 16.67
C ILE B 71 -8.18 6.82 16.27
N THR B 72 -7.70 6.58 15.06
CA THR B 72 -6.54 7.29 14.51
C THR B 72 -6.76 7.36 12.99
N ASN B 73 -5.86 7.99 12.25
CA ASN B 73 -6.02 8.04 10.80
C ASN B 73 -4.84 7.31 10.18
N TYR B 74 -4.42 6.25 10.85
CA TYR B 74 -3.31 5.41 10.39
C TYR B 74 -3.45 4.05 11.05
N GLN B 75 -2.81 3.04 10.48
CA GLN B 75 -2.88 1.72 11.04
C GLN B 75 -1.68 1.39 11.89
N LEU B 76 -1.90 0.52 12.87
CA LEU B 76 -0.85 0.07 13.77
C LEU B 76 -0.65 -1.41 13.46
N TYR B 77 0.49 -1.96 13.85
CA TYR B 77 0.78 -3.35 13.56
C TYR B 77 0.14 -4.29 14.57
N PRO B 78 -0.45 -5.39 14.10
CA PRO B 78 -1.08 -6.36 15.00
C PRO B 78 -0.05 -6.77 16.05
N GLY B 79 -0.43 -6.77 17.31
CA GLY B 79 0.53 -7.16 18.33
C GLY B 79 1.32 -6.04 18.95
N SER B 80 1.11 -4.81 18.50
CA SER B 80 1.84 -3.68 19.06
C SER B 80 0.99 -3.03 20.15
N VAL B 81 1.63 -2.36 21.10
CA VAL B 81 0.91 -1.74 22.19
C VAL B 81 0.93 -0.23 22.03
N ILE B 82 -0.20 0.43 22.29
CA ILE B 82 -0.28 1.88 22.20
C ILE B 82 -0.99 2.42 23.44
N GLU B 83 -0.61 3.62 23.88
CA GLU B 83 -1.23 4.23 25.06
C GLU B 83 -2.34 5.15 24.62
N VAL B 84 -3.56 4.86 25.08
CA VAL B 84 -4.71 5.66 24.70
C VAL B 84 -5.41 6.36 25.84
N ARG B 85 -6.28 7.30 25.46
CA ARG B 85 -7.08 8.09 26.38
C ARG B 85 -8.53 7.68 26.13
N PRO B 86 -9.21 7.09 27.14
CA PRO B 86 -10.60 6.73 26.85
C PRO B 86 -11.42 8.00 26.70
N ILE B 87 -12.28 8.03 25.69
CA ILE B 87 -13.12 9.22 25.49
C ILE B 87 -14.61 8.84 25.53
N GLY B 88 -14.89 7.56 25.63
CA GLY B 88 -16.27 7.12 25.67
C GLY B 88 -16.40 5.62 25.76
N ILE B 89 -17.64 5.14 25.64
CA ILE B 89 -17.92 3.72 25.71
C ILE B 89 -19.11 3.45 24.81
N LEU B 90 -19.13 2.29 24.18
CA LEU B 90 -20.23 1.92 23.28
C LEU B 90 -20.93 0.67 23.84
N TYR B 91 -22.23 0.81 24.07
CA TYR B 91 -23.03 -0.29 24.61
C TYR B 91 -23.78 -1.02 23.51
N MET B 92 -23.73 -2.34 23.53
CA MET B 92 -24.39 -3.14 22.51
C MET B 92 -24.80 -4.52 23.01
N LYS B 93 -25.63 -5.19 22.22
CA LYS B 93 -26.10 -6.53 22.52
C LYS B 93 -25.94 -7.39 21.27
N ASP B 94 -25.41 -8.58 21.45
CA ASP B 94 -25.25 -9.51 20.33
C ASP B 94 -25.87 -10.86 20.69
N GLU B 95 -25.66 -11.85 19.84
CA GLU B 95 -26.21 -13.18 20.06
C GLU B 95 -25.77 -13.78 21.39
N GLU B 96 -24.64 -13.32 21.92
CA GLU B 96 -24.11 -13.82 23.20
C GLU B 96 -24.64 -13.08 24.41
N GLY B 97 -25.14 -11.87 24.18
CA GLY B 97 -25.67 -11.09 25.27
C GLY B 97 -25.23 -9.63 25.26
N GLU B 98 -25.03 -9.09 26.46
CA GLU B 98 -24.61 -7.70 26.62
C GLU B 98 -23.12 -7.54 26.39
N ASP B 99 -22.75 -6.35 25.92
CA ASP B 99 -21.35 -6.03 25.70
C ASP B 99 -21.08 -4.54 25.64
N ALA B 100 -19.88 -4.15 26.05
CA ALA B 100 -19.47 -2.75 26.06
C ALA B 100 -18.04 -2.67 25.53
N LYS B 101 -17.78 -1.65 24.70
CA LYS B 101 -16.46 -1.46 24.12
C LYS B 101 -15.99 -0.03 24.34
N ILE B 102 -14.80 0.13 24.90
CA ILE B 102 -14.25 1.46 25.14
C ILE B 102 -13.87 2.15 23.81
N VAL B 103 -14.03 3.48 23.75
CA VAL B 103 -13.66 4.23 22.56
C VAL B 103 -12.54 5.16 23.03
N ALA B 104 -11.39 5.13 22.33
CA ALA B 104 -10.27 5.96 22.74
C ALA B 104 -9.46 6.54 21.59
N VAL B 105 -8.65 7.53 21.90
CA VAL B 105 -7.76 8.17 20.93
C VAL B 105 -6.37 8.05 21.55
N PRO B 106 -5.31 8.19 20.75
CA PRO B 106 -3.96 8.07 21.33
C PRO B 106 -3.73 9.13 22.39
N LYS B 107 -2.92 8.80 23.40
CA LYS B 107 -2.63 9.77 24.45
C LYS B 107 -1.93 10.97 23.81
N ASP B 108 -2.15 12.16 24.35
CA ASP B 108 -1.59 13.39 23.80
C ASP B 108 -0.13 13.39 23.34
N LYS B 109 0.79 12.87 24.17
CA LYS B 109 2.21 12.84 23.79
C LYS B 109 2.46 11.96 22.56
N THR B 110 1.65 10.91 22.44
CA THR B 110 1.79 9.97 21.33
C THR B 110 1.30 10.59 20.02
N ASP B 111 0.21 11.35 20.09
CA ASP B 111 -0.33 11.98 18.89
C ASP B 111 -1.16 13.21 19.29
N PRO B 112 -0.50 14.38 19.37
CA PRO B 112 -1.16 15.63 19.73
C PRO B 112 -2.25 16.13 18.80
N SER B 113 -2.51 15.43 17.70
CA SER B 113 -3.57 15.91 16.81
C SER B 113 -4.96 15.42 17.23
N PHE B 114 -5.02 14.68 18.33
CA PHE B 114 -6.31 14.19 18.82
C PHE B 114 -6.57 14.81 20.19
N SER B 115 -5.79 15.84 20.53
CA SER B 115 -5.92 16.50 21.82
C SER B 115 -7.24 17.24 22.08
N ASN B 116 -7.90 17.71 21.04
CA ASN B 116 -9.17 18.42 21.27
C ASN B 116 -10.37 17.47 21.33
N ILE B 117 -10.13 16.18 21.09
CA ILE B 117 -11.19 15.18 21.20
C ILE B 117 -11.08 14.66 22.63
N LYS B 118 -11.84 15.23 23.56
CA LYS B 118 -11.76 14.79 24.94
C LYS B 118 -12.91 13.89 25.40
N ASP B 119 -14.00 13.92 24.64
CA ASP B 119 -15.17 13.10 24.94
C ASP B 119 -15.90 12.64 23.69
N ILE B 120 -16.73 11.62 23.87
CA ILE B 120 -17.49 11.04 22.77
C ILE B 120 -18.26 12.04 21.92
N ASN B 121 -18.69 13.15 22.53
CA ASN B 121 -19.44 14.15 21.79
C ASN B 121 -18.55 15.05 20.95
N ASP B 122 -17.24 14.82 21.01
CA ASP B 122 -16.27 15.59 20.23
C ASP B 122 -16.10 14.95 18.87
N LEU B 123 -16.60 13.73 18.71
CA LEU B 123 -16.50 13.03 17.45
C LEU B 123 -17.61 13.48 16.49
N PRO B 124 -17.28 13.65 15.21
CA PRO B 124 -18.30 14.08 14.24
C PRO B 124 -19.45 13.07 14.21
N GLN B 125 -20.67 13.54 14.02
CA GLN B 125 -21.83 12.64 13.97
C GLN B 125 -21.61 11.55 12.93
N ALA B 126 -21.06 11.93 11.78
CA ALA B 126 -20.79 11.01 10.69
C ALA B 126 -19.91 9.86 11.11
N THR B 127 -18.91 10.15 11.94
CA THR B 127 -17.99 9.11 12.41
C THR B 127 -18.71 8.13 13.33
N LYS B 128 -19.59 8.65 14.20
CA LYS B 128 -20.35 7.81 15.11
C LYS B 128 -21.28 6.90 14.33
N ASN B 129 -21.98 7.46 13.35
CA ASN B 129 -22.90 6.69 12.52
C ASN B 129 -22.16 5.58 11.79
N LYS B 130 -20.96 5.88 11.30
CA LYS B 130 -20.17 4.89 10.59
C LYS B 130 -19.83 3.71 11.50
N ILE B 131 -19.34 4.02 12.70
CA ILE B 131 -18.98 2.99 13.67
C ILE B 131 -20.20 2.14 14.05
N VAL B 132 -21.32 2.78 14.36
CA VAL B 132 -22.52 2.07 14.73
C VAL B 132 -22.96 1.16 13.59
N HIS B 133 -23.04 1.71 12.38
CA HIS B 133 -23.45 0.94 11.22
C HIS B 133 -22.52 -0.26 11.01
N PHE B 134 -21.23 -0.06 11.26
CA PHE B 134 -20.27 -1.13 11.08
C PHE B 134 -20.61 -2.33 11.97
N PHE B 135 -20.71 -2.09 13.27
CA PHE B 135 -21.02 -3.16 14.21
C PHE B 135 -22.34 -3.86 13.93
N GLU B 136 -23.31 -3.11 13.41
CA GLU B 136 -24.62 -3.69 13.11
C GLU B 136 -24.72 -4.43 11.78
N HIS B 137 -23.66 -4.42 10.96
CA HIS B 137 -23.73 -5.10 9.67
C HIS B 137 -22.57 -6.00 9.27
N TYR B 138 -21.43 -5.87 9.94
CA TYR B 138 -20.29 -6.67 9.55
C TYR B 138 -20.40 -8.18 9.82
N LYS B 139 -21.31 -8.60 10.72
CA LYS B 139 -21.48 -10.03 11.01
C LYS B 139 -22.75 -10.61 10.43
N GLU B 140 -23.58 -9.73 9.86
CA GLU B 140 -24.86 -10.13 9.27
C GLU B 140 -24.85 -11.45 8.50
N LEU B 141 -23.94 -11.57 7.54
CA LEU B 141 -23.84 -12.76 6.71
C LEU B 141 -23.36 -14.00 7.44
N GLU B 142 -22.98 -13.84 8.72
CA GLU B 142 -22.54 -15.00 9.50
C GLU B 142 -23.80 -15.59 10.17
N PRO B 143 -24.04 -16.88 9.95
CA PRO B 143 -25.19 -17.62 10.49
C PRO B 143 -25.41 -17.54 11.99
N GLY B 144 -26.54 -16.96 12.39
CA GLY B 144 -26.89 -16.85 13.80
C GLY B 144 -26.20 -15.77 14.62
N LYS B 145 -25.43 -14.90 13.95
CA LYS B 145 -24.72 -13.80 14.60
C LYS B 145 -25.43 -12.48 14.29
N TYR B 146 -25.47 -11.59 15.29
CA TYR B 146 -26.10 -10.29 15.13
C TYR B 146 -25.65 -9.33 16.22
N VAL B 147 -25.79 -8.03 15.96
CA VAL B 147 -25.39 -7.00 16.91
C VAL B 147 -26.36 -5.81 16.85
N LYS B 148 -26.72 -5.28 18.01
CA LYS B 148 -27.61 -4.12 18.10
C LYS B 148 -27.00 -3.13 19.07
N ILE B 149 -26.77 -1.91 18.62
CA ILE B 149 -26.18 -0.89 19.48
C ILE B 149 -27.20 -0.28 20.44
N SER B 150 -26.89 -0.30 21.73
CA SER B 150 -27.77 0.26 22.75
C SER B 150 -27.60 1.77 22.80
N GLY B 151 -26.35 2.22 22.97
CA GLY B 151 -26.09 3.64 23.03
C GLY B 151 -24.66 3.94 23.41
N TRP B 152 -24.35 5.22 23.58
CA TRP B 152 -23.01 5.66 23.92
C TRP B 152 -22.87 6.12 25.36
N GLY B 153 -21.64 6.14 25.86
CA GLY B 153 -21.38 6.61 27.20
C GLY B 153 -20.28 7.65 27.16
N SER B 154 -20.21 8.49 28.19
CA SER B 154 -19.21 9.54 28.27
C SER B 154 -17.86 9.00 28.72
N ALA B 155 -16.82 9.85 28.65
CA ALA B 155 -15.49 9.46 29.06
C ALA B 155 -15.45 9.01 30.52
N THR B 156 -16.16 9.73 31.39
CA THR B 156 -16.20 9.41 32.81
C THR B 156 -16.74 8.01 33.02
N GLU B 157 -17.79 7.70 32.26
CA GLU B 157 -18.41 6.39 32.30
C GLU B 157 -17.37 5.35 31.92
N ALA B 158 -16.69 5.59 30.79
CA ALA B 158 -15.68 4.67 30.29
C ALA B 158 -14.57 4.45 31.31
N LYS B 159 -14.12 5.52 31.96
CA LYS B 159 -13.07 5.42 32.97
C LYS B 159 -13.46 4.49 34.11
N ASN B 160 -14.75 4.49 34.45
CA ASN B 160 -15.26 3.63 35.52
C ASN B 160 -15.23 2.15 35.12
N ARG B 161 -15.74 1.88 33.92
CA ARG B 161 -15.79 0.53 33.39
C ARG B 161 -14.38 -0.06 33.44
N ILE B 162 -13.39 0.76 33.09
CA ILE B 162 -12.00 0.32 33.08
C ILE B 162 -11.53 0.04 34.52
N GLN B 163 -11.96 0.87 35.46
CA GLN B 163 -11.59 0.71 36.86
C GLN B 163 -12.05 -0.65 37.40
N LEU B 164 -13.33 -0.97 37.17
CA LEU B 164 -13.89 -2.23 37.61
C LEU B 164 -13.17 -3.38 36.93
N ALA B 165 -13.08 -3.31 35.60
CA ALA B 165 -12.42 -4.35 34.82
C ALA B 165 -11.02 -4.65 35.33
N ILE B 166 -10.34 -3.64 35.86
CA ILE B 166 -9.00 -3.83 36.39
C ILE B 166 -9.07 -4.47 37.77
N LYS B 167 -9.99 -3.99 38.60
CA LYS B 167 -10.16 -4.52 39.94
C LYS B 167 -10.43 -6.03 39.88
N ARG B 168 -11.41 -6.43 39.04
CA ARG B 168 -11.78 -7.82 38.91
C ARG B 168 -10.55 -8.71 38.85
N VAL B 169 -9.55 -8.27 38.09
CA VAL B 169 -8.35 -9.05 37.95
C VAL B 169 -7.38 -8.78 39.08
N SER B 170 -7.16 -7.50 39.36
CA SER B 170 -6.22 -7.02 40.40
C SER B 170 -6.77 -7.09 41.80
N GLY B 171 -7.68 -6.32 42.12
N LYS C 2 17.60 -13.56 24.17
CA LYS C 2 17.40 -14.69 23.22
C LYS C 2 18.02 -14.39 21.88
N LEU C 3 18.61 -13.20 21.76
CA LEU C 3 19.24 -12.77 20.53
C LEU C 3 20.66 -12.30 20.78
N SER C 4 21.52 -12.51 19.79
CA SER C 4 22.90 -12.10 19.91
C SER C 4 23.26 -11.15 18.78
N PRO C 5 24.43 -10.53 18.85
CA PRO C 5 24.87 -9.59 17.80
C PRO C 5 25.28 -10.31 16.53
N GLY C 6 25.57 -11.61 16.64
CA GLY C 6 25.97 -12.37 15.48
C GLY C 6 27.33 -13.03 15.60
N LYS C 7 27.45 -14.24 15.06
CA LYS C 7 28.68 -15.00 15.11
C LYS C 7 29.82 -14.33 14.35
N ASN C 8 29.50 -13.45 13.41
CA ASN C 8 30.52 -12.77 12.63
C ASN C 8 30.72 -11.29 12.94
N ALA C 9 30.23 -10.86 14.11
CA ALA C 9 30.39 -9.48 14.51
C ALA C 9 31.90 -9.19 14.57
N PRO C 10 32.32 -7.96 14.20
CA PRO C 10 31.49 -6.85 13.73
C PRO C 10 31.36 -6.76 12.21
N ASP C 11 31.88 -7.73 11.49
CA ASP C 11 31.81 -7.71 10.03
C ASP C 11 30.38 -7.82 9.52
N VAL C 12 29.57 -8.58 10.23
CA VAL C 12 28.17 -8.78 9.90
C VAL C 12 27.46 -8.89 11.24
N VAL C 13 26.44 -8.06 11.45
CA VAL C 13 25.72 -8.11 12.72
C VAL C 13 24.20 -8.21 12.57
N ASN C 14 23.55 -8.68 13.63
CA ASN C 14 22.10 -8.83 13.64
C ASN C 14 21.49 -7.51 14.04
N VAL C 15 20.43 -7.12 13.34
CA VAL C 15 19.72 -5.90 13.66
C VAL C 15 18.23 -6.24 13.81
N LEU C 16 17.66 -5.92 14.97
CA LEU C 16 16.26 -6.16 15.22
C LEU C 16 15.54 -4.89 14.77
N VAL C 17 14.75 -4.97 13.71
CA VAL C 17 14.07 -3.79 13.20
C VAL C 17 12.93 -3.29 14.08
N GLU C 18 12.90 -1.98 14.32
CA GLU C 18 11.86 -1.38 15.14
C GLU C 18 10.98 -0.50 14.27
N ILE C 19 11.62 0.30 13.43
CA ILE C 19 10.89 1.21 12.55
C ILE C 19 11.09 0.89 11.08
N PRO C 20 10.03 0.46 10.39
CA PRO C 20 10.19 0.15 8.97
C PRO C 20 10.43 1.45 8.21
N GLN C 21 11.17 1.34 7.12
CA GLN C 21 11.48 2.48 6.30
C GLN C 21 10.21 3.11 5.75
N GLY C 22 10.19 4.43 5.67
CA GLY C 22 9.03 5.13 5.15
C GLY C 22 8.04 5.47 6.25
N SER C 23 8.20 4.82 7.39
CA SER C 23 7.32 5.04 8.52
C SER C 23 7.41 6.43 9.14
N ASN C 24 6.32 6.87 9.74
CA ASN C 24 6.29 8.16 10.39
C ASN C 24 5.79 7.97 11.82
N ILE C 25 5.84 6.71 12.27
CA ILE C 25 5.44 6.33 13.61
C ILE C 25 6.68 5.75 14.28
N LYS C 26 7.08 6.31 15.40
CA LYS C 26 8.26 5.83 16.10
C LYS C 26 7.97 4.66 17.02
N TYR C 27 8.26 3.46 16.52
CA TYR C 27 8.06 2.25 17.30
C TYR C 27 9.31 2.04 18.15
N GLU C 28 9.11 1.34 19.27
CA GLU C 28 10.15 1.06 20.24
C GLU C 28 10.02 -0.37 20.72
N TYR C 29 11.10 -1.13 20.70
CA TYR C 29 11.04 -2.47 21.21
C TYR C 29 11.31 -2.42 22.71
N ASP C 30 10.40 -2.97 23.49
CA ASP C 30 10.54 -3.01 24.94
C ASP C 30 10.93 -4.41 25.36
N ASP C 31 12.22 -4.60 25.66
CA ASP C 31 12.76 -5.90 26.07
C ASP C 31 12.08 -6.46 27.32
N GLU C 32 11.69 -5.57 28.23
CA GLU C 32 11.02 -5.98 29.46
C GLU C 32 9.71 -6.67 29.11
N GLU C 33 8.72 -5.91 28.66
CA GLU C 33 7.42 -6.46 28.27
C GLU C 33 7.53 -7.39 27.08
N GLY C 34 8.61 -7.23 26.31
CA GLY C 34 8.83 -8.06 25.13
C GLY C 34 7.90 -7.72 23.97
N VAL C 35 7.52 -6.45 23.84
CA VAL C 35 6.62 -6.04 22.77
C VAL C 35 7.14 -4.79 22.06
N ILE C 36 6.55 -4.50 20.91
CA ILE C 36 6.89 -3.31 20.14
C ILE C 36 5.84 -2.29 20.58
N LYS C 37 6.24 -1.23 21.27
CA LYS C 37 5.30 -0.19 21.70
C LYS C 37 5.38 1.01 20.76
N VAL C 38 4.33 1.81 20.71
CA VAL C 38 4.30 3.00 19.90
C VAL C 38 4.74 4.14 20.81
N ASP C 39 5.96 4.63 20.63
CA ASP C 39 6.46 5.72 21.44
C ASP C 39 5.69 6.99 21.12
N ARG C 40 5.64 7.33 19.84
CA ARG C 40 4.91 8.49 19.39
C ARG C 40 4.77 8.50 17.87
N VAL C 41 3.96 9.42 17.39
CA VAL C 41 3.75 9.61 15.97
C VAL C 41 4.44 10.95 15.65
N LEU C 42 5.53 10.90 14.87
CA LEU C 42 6.28 12.09 14.52
C LEU C 42 5.38 13.32 14.39
N TYR C 43 5.73 14.39 15.11
CA TYR C 43 4.96 15.64 15.09
C TYR C 43 5.20 16.41 13.79
N THR C 44 6.24 16.02 13.05
CA THR C 44 6.57 16.69 11.81
C THR C 44 6.14 15.79 10.65
N SER C 45 5.97 16.39 9.49
CA SER C 45 5.56 15.64 8.30
C SER C 45 6.76 15.00 7.61
N MET C 46 7.48 14.16 8.35
CA MET C 46 8.65 13.46 7.83
C MET C 46 8.48 11.96 8.04
N ASN C 47 9.41 11.18 7.48
CA ASN C 47 9.37 9.74 7.65
C ASN C 47 10.79 9.17 7.58
N TYR C 48 11.03 8.10 8.31
CA TYR C 48 12.33 7.48 8.36
C TYR C 48 12.84 7.05 6.99
N PRO C 49 13.98 7.63 6.57
CA PRO C 49 14.59 7.33 5.27
C PRO C 49 15.43 6.06 5.31
N PHE C 50 15.11 5.17 6.26
CA PHE C 50 15.83 3.92 6.43
C PHE C 50 15.10 3.07 7.46
N ASN C 51 15.45 1.78 7.52
CA ASN C 51 14.87 0.89 8.52
C ASN C 51 15.71 1.15 9.76
N TYR C 52 15.05 1.37 10.88
CA TYR C 52 15.75 1.66 12.12
C TYR C 52 15.63 0.55 13.13
N GLY C 53 16.72 0.27 13.83
CA GLY C 53 16.71 -0.78 14.83
C GLY C 53 17.98 -0.75 15.65
N PHE C 54 18.23 -1.81 16.43
CA PHE C 54 19.42 -1.88 17.27
C PHE C 54 20.05 -3.26 17.22
N ILE C 55 21.34 -3.32 17.54
CA ILE C 55 22.06 -4.59 17.55
C ILE C 55 21.85 -5.21 18.93
N PRO C 56 21.13 -6.33 19.00
CA PRO C 56 20.91 -6.95 20.31
C PRO C 56 22.24 -7.41 20.93
N GLY C 57 22.32 -7.34 22.25
CA GLY C 57 23.54 -7.78 22.91
C GLY C 57 24.71 -6.80 22.90
N THR C 58 24.40 -5.52 22.80
CA THR C 58 25.42 -4.48 22.80
C THR C 58 25.00 -3.40 23.78
N LEU C 59 25.98 -2.68 24.32
CA LEU C 59 25.69 -1.62 25.26
C LEU C 59 26.62 -0.44 25.04
N GLU C 60 26.04 0.76 24.96
CA GLU C 60 26.80 1.98 24.76
C GLU C 60 26.91 2.72 26.08
N GLU C 61 27.75 3.75 26.11
CA GLU C 61 27.96 4.54 27.32
C GLU C 61 26.67 5.19 27.83
N ASP C 62 25.68 5.31 26.95
CA ASP C 62 24.40 5.91 27.33
C ASP C 62 23.45 4.89 27.93
N GLY C 63 23.96 3.69 28.19
CA GLY C 63 23.14 2.64 28.77
C GLY C 63 22.20 1.92 27.83
N ASP C 64 22.19 2.33 26.56
CA ASP C 64 21.33 1.72 25.55
C ASP C 64 22.12 0.93 24.53
N PRO C 65 21.45 -0.03 23.85
CA PRO C 65 22.16 -0.83 22.84
C PRO C 65 22.51 0.09 21.68
N LEU C 66 23.42 -0.37 20.83
CA LEU C 66 23.85 0.43 19.70
C LEU C 66 22.82 0.44 18.56
N ASP C 67 22.45 1.62 18.09
CA ASP C 67 21.48 1.76 17.00
C ASP C 67 22.07 1.55 15.62
N VAL C 68 21.22 1.19 14.67
CA VAL C 68 21.64 0.98 13.30
C VAL C 68 20.63 1.55 12.31
N LEU C 69 21.13 2.19 11.26
CA LEU C 69 20.30 2.75 10.20
C LEU C 69 20.49 1.79 9.03
N VAL C 70 19.54 0.88 8.84
CA VAL C 70 19.65 -0.08 7.76
C VAL C 70 19.13 0.53 6.46
N ILE C 71 19.99 0.63 5.46
CA ILE C 71 19.63 1.24 4.19
C ILE C 71 19.24 0.20 3.15
N THR C 72 18.01 0.28 2.68
CA THR C 72 17.47 -0.63 1.67
C THR C 72 16.44 0.17 0.88
N ASN C 73 15.83 -0.43 -0.13
CA ASN C 73 14.79 0.27 -0.88
C ASN C 73 13.47 -0.47 -0.70
N TYR C 74 13.27 -0.98 0.50
CA TYR C 74 12.08 -1.72 0.85
C TYR C 74 11.96 -1.70 2.35
N GLN C 75 10.75 -1.96 2.86
CA GLN C 75 10.55 -1.98 4.30
C GLN C 75 10.55 -3.39 4.87
N LEU C 76 10.97 -3.47 6.13
CA LEU C 76 11.03 -4.73 6.83
C LEU C 76 9.96 -4.63 7.93
N TYR C 77 9.52 -5.77 8.45
CA TYR C 77 8.49 -5.76 9.49
C TYR C 77 9.04 -5.49 10.87
N PRO C 78 8.37 -4.63 11.63
CA PRO C 78 8.84 -4.32 12.99
C PRO C 78 9.02 -5.62 13.73
N GLY C 79 10.14 -5.79 14.43
CA GLY C 79 10.35 -7.02 15.17
C GLY C 79 11.07 -8.12 14.42
N SER C 80 11.43 -7.87 13.17
CA SER C 80 12.13 -8.88 12.39
C SER C 80 13.63 -8.61 12.48
N VAL C 81 14.44 -9.64 12.31
CA VAL C 81 15.89 -9.50 12.40
C VAL C 81 16.50 -9.63 11.02
N ILE C 82 17.47 -8.77 10.72
CA ILE C 82 18.17 -8.82 9.43
C ILE C 82 19.68 -8.72 9.67
N GLU C 83 20.46 -9.39 8.82
CA GLU C 83 21.92 -9.37 8.96
C GLU C 83 22.50 -8.28 8.09
N VAL C 84 23.19 -7.33 8.71
CA VAL C 84 23.75 -6.21 7.96
C VAL C 84 25.27 -6.11 8.00
N ARG C 85 25.78 -5.27 7.11
CA ARG C 85 27.21 -4.99 6.98
C ARG C 85 27.39 -3.53 7.39
N PRO C 86 28.14 -3.26 8.46
CA PRO C 86 28.30 -1.84 8.80
C PRO C 86 29.15 -1.16 7.72
N ILE C 87 28.74 0.02 7.27
CA ILE C 87 29.51 0.73 6.27
C ILE C 87 29.93 2.10 6.78
N GLY C 88 29.48 2.45 7.98
CA GLY C 88 29.83 3.74 8.52
C GLY C 88 29.21 4.00 9.88
N ILE C 89 29.36 5.22 10.37
CA ILE C 89 28.82 5.61 11.66
C ILE C 89 28.48 7.10 11.58
N LEU C 90 27.42 7.50 12.28
CA LEU C 90 26.97 8.89 12.26
C LEU C 90 27.06 9.44 13.67
N TYR C 91 27.81 10.52 13.83
CA TYR C 91 28.01 11.14 15.14
C TYR C 91 27.10 12.34 15.29
N MET C 92 26.44 12.43 16.45
CA MET C 92 25.52 13.54 16.70
C MET C 92 25.39 13.86 18.18
N LYS C 93 24.76 14.99 18.46
CA LYS C 93 24.55 15.41 19.82
C LYS C 93 23.11 15.90 19.91
N ASP C 94 22.39 15.47 20.95
CA ASP C 94 21.01 15.87 21.18
C ASP C 94 20.85 16.45 22.58
N GLU C 95 19.60 16.70 22.99
CA GLU C 95 19.33 17.26 24.30
C GLU C 95 19.87 16.41 25.44
N GLU C 96 20.07 15.12 25.19
CA GLU C 96 20.57 14.19 26.19
C GLU C 96 22.10 14.10 26.20
N GLY C 97 22.72 14.52 25.11
CA GLY C 97 24.17 14.49 25.05
C GLY C 97 24.71 13.91 23.75
N GLU C 98 25.82 13.20 23.86
CA GLU C 98 26.47 12.59 22.71
C GLU C 98 25.79 11.30 22.27
N ASP C 99 25.88 11.02 20.97
CA ASP C 99 25.31 9.80 20.42
C ASP C 99 25.91 9.43 19.07
N ALA C 100 25.95 8.12 18.81
CA ALA C 100 26.48 7.59 17.56
C ALA C 100 25.54 6.48 17.08
N LYS C 101 25.31 6.46 15.76
CA LYS C 101 24.43 5.47 15.16
C LYS C 101 25.13 4.81 13.97
N ILE C 102 25.17 3.48 13.96
CA ILE C 102 25.80 2.73 12.88
C ILE C 102 24.97 2.86 11.59
N VAL C 103 25.64 2.89 10.44
CA VAL C 103 24.96 2.95 9.15
C VAL C 103 25.34 1.65 8.47
N ALA C 104 24.35 0.88 7.99
CA ALA C 104 24.64 -0.40 7.35
C ALA C 104 23.71 -0.74 6.19
N VAL C 105 24.13 -1.72 5.40
CA VAL C 105 23.33 -2.20 4.27
C VAL C 105 23.19 -3.70 4.52
N PRO C 106 22.21 -4.36 3.87
CA PRO C 106 22.07 -5.80 4.11
C PRO C 106 23.32 -6.58 3.71
N LYS C 107 23.61 -7.67 4.41
CA LYS C 107 24.78 -8.46 4.07
C LYS C 107 24.60 -8.97 2.63
N ASP C 108 25.71 -9.12 1.90
CA ASP C 108 25.67 -9.53 0.50
C ASP C 108 24.76 -10.67 0.09
N LYS C 109 24.76 -11.76 0.85
CA LYS C 109 23.91 -12.90 0.51
C LYS C 109 22.42 -12.56 0.65
N THR C 110 22.11 -11.66 1.59
CA THR C 110 20.74 -11.24 1.82
C THR C 110 20.24 -10.35 0.69
N ASP C 111 21.09 -9.46 0.19
CA ASP C 111 20.71 -8.57 -0.90
C ASP C 111 21.96 -8.12 -1.66
N PRO C 112 22.35 -8.87 -2.68
CA PRO C 112 23.52 -8.56 -3.49
C PRO C 112 23.50 -7.23 -4.25
N SER C 113 22.41 -6.47 -4.19
CA SER C 113 22.38 -5.22 -4.93
C SER C 113 23.00 -4.06 -4.14
N PHE C 114 23.52 -4.36 -2.95
CA PHE C 114 24.17 -3.34 -2.13
C PHE C 114 25.63 -3.71 -1.93
N SER C 115 26.09 -4.68 -2.72
CA SER C 115 27.46 -5.16 -2.64
C SER C 115 28.54 -4.13 -2.99
N ASN C 116 28.19 -3.17 -3.83
CA ASN C 116 29.13 -2.13 -4.25
C ASN C 116 29.32 -1.06 -3.19
N ILE C 117 28.36 -0.95 -2.28
CA ILE C 117 28.42 0.03 -1.22
C ILE C 117 29.21 -0.59 -0.07
N LYS C 118 30.51 -0.32 0.00
CA LYS C 118 31.32 -0.90 1.06
C LYS C 118 31.67 0.08 2.17
N ASP C 119 31.52 1.36 1.89
CA ASP C 119 31.83 2.38 2.90
C ASP C 119 30.94 3.61 2.75
N ILE C 120 30.88 4.40 3.81
CA ILE C 120 30.05 5.60 3.86
C ILE C 120 30.22 6.52 2.66
N ASN C 121 31.40 6.55 2.06
CA ASN C 121 31.64 7.42 0.92
C ASN C 121 31.09 6.85 -0.39
N ASP C 122 30.49 5.67 -0.29
CA ASP C 122 29.90 5.00 -1.45
C ASP C 122 28.46 5.47 -1.62
N LEU C 123 27.93 6.12 -0.58
CA LEU C 123 26.55 6.62 -0.62
C LEU C 123 26.49 7.96 -1.35
N PRO C 124 25.48 8.15 -2.19
CA PRO C 124 25.35 9.42 -2.92
C PRO C 124 25.29 10.58 -1.93
N GLN C 125 25.85 11.73 -2.31
CA GLN C 125 25.82 12.88 -1.42
C GLN C 125 24.39 13.23 -1.02
N ALA C 126 23.48 13.14 -2.00
CA ALA C 126 22.07 13.44 -1.78
C ALA C 126 21.46 12.59 -0.67
N THR C 127 21.85 11.33 -0.62
CA THR C 127 21.34 10.42 0.39
C THR C 127 21.84 10.81 1.78
N LYS C 128 23.10 11.22 1.86
CA LYS C 128 23.69 11.61 3.14
C LYS C 128 23.02 12.88 3.64
N ASN C 129 22.80 13.83 2.74
CA ASN C 129 22.16 15.09 3.09
C ASN C 129 20.76 14.85 3.61
N LYS C 130 20.04 13.92 2.96
CA LYS C 130 18.69 13.59 3.36
C LYS C 130 18.67 13.05 4.79
N ILE C 131 19.55 12.09 5.06
CA ILE C 131 19.64 11.48 6.39
C ILE C 131 19.99 12.53 7.45
N VAL C 132 20.98 13.36 7.16
CA VAL C 132 21.39 14.38 8.12
C VAL C 132 20.24 15.35 8.39
N HIS C 133 19.61 15.82 7.33
CA HIS C 133 18.49 16.76 7.44
C HIS C 133 17.36 16.12 8.26
N PHE C 134 17.13 14.82 8.06
CA PHE C 134 16.08 14.13 8.79
C PHE C 134 16.31 14.22 10.30
N PHE C 135 17.47 13.79 10.74
CA PHE C 135 17.77 13.80 12.17
C PHE C 135 17.71 15.18 12.77
N GLU C 136 18.08 16.19 12.00
CA GLU C 136 18.09 17.55 12.51
C GLU C 136 16.75 18.27 12.50
N HIS C 137 15.71 17.64 11.96
CA HIS C 137 14.41 18.30 11.91
C HIS C 137 13.20 17.50 12.34
N TYR C 138 13.32 16.18 12.42
CA TYR C 138 12.16 15.38 12.79
C TYR C 138 11.66 15.53 14.23
N LYS C 139 12.48 16.06 15.14
CA LYS C 139 12.06 16.23 16.53
C LYS C 139 11.84 17.70 16.89
N GLU C 140 12.15 18.58 15.94
CA GLU C 140 12.02 20.03 16.13
C GLU C 140 10.76 20.47 16.87
N LEU C 141 9.60 20.02 16.39
CA LEU C 141 8.32 20.39 17.00
C LEU C 141 8.10 19.80 18.39
N GLU C 142 8.99 18.95 18.85
CA GLU C 142 8.86 18.37 20.18
C GLU C 142 9.56 19.30 21.15
N PRO C 143 8.84 19.77 22.19
CA PRO C 143 9.34 20.68 23.22
C PRO C 143 10.62 20.25 23.92
N GLY C 144 11.67 21.06 23.77
CA GLY C 144 12.94 20.79 24.41
C GLY C 144 13.85 19.74 23.80
N LYS C 145 13.49 19.25 22.62
CA LYS C 145 14.27 18.23 21.95
C LYS C 145 14.99 18.86 20.76
N TYR C 146 16.17 18.34 20.45
CA TYR C 146 16.95 18.85 19.33
C TYR C 146 18.10 17.89 19.01
N VAL C 147 18.59 17.97 17.79
CA VAL C 147 19.69 17.12 17.33
C VAL C 147 20.61 17.88 16.39
N LYS C 148 21.92 17.68 16.54
CA LYS C 148 22.90 18.34 15.70
C LYS C 148 23.92 17.28 15.28
N ILE C 149 24.10 17.11 13.98
CA ILE C 149 25.03 16.13 13.45
C ILE C 149 26.48 16.60 13.51
N SER C 150 27.33 15.81 14.16
CA SER C 150 28.75 16.15 14.29
C SER C 150 29.47 15.81 13.00
N GLY C 151 29.33 14.56 12.55
CA GLY C 151 29.97 14.13 11.32
C GLY C 151 29.84 12.64 11.09
N TRP C 152 30.49 12.16 10.04
CA TRP C 152 30.46 10.75 9.66
C TRP C 152 31.74 10.00 9.98
N GLY C 153 31.64 8.68 10.07
CA GLY C 153 32.79 7.85 10.34
C GLY C 153 32.86 6.75 9.29
N SER C 154 34.03 6.18 9.08
CA SER C 154 34.21 5.12 8.10
C SER C 154 33.75 3.76 8.63
N ALA C 155 33.72 2.76 7.74
CA ALA C 155 33.31 1.42 8.12
C ALA C 155 34.19 0.84 9.22
N THR C 156 35.49 1.07 9.13
CA THR C 156 36.44 0.57 10.13
C THR C 156 36.11 1.13 11.49
N GLU C 157 35.79 2.42 11.49
CA GLU C 157 35.42 3.12 12.71
C GLU C 157 34.19 2.43 13.29
N ALA C 158 33.17 2.26 12.45
CA ALA C 158 31.93 1.63 12.86
C ALA C 158 32.16 0.24 13.44
N LYS C 159 33.01 -0.55 12.78
CA LYS C 159 33.32 -1.90 13.25
C LYS C 159 33.89 -1.91 14.67
N ASN C 160 34.65 -0.87 15.00
CA ASN C 160 35.25 -0.73 16.31
C ASN C 160 34.20 -0.43 17.38
N ARG C 161 33.35 0.54 17.07
CA ARG C 161 32.29 0.93 17.98
C ARG C 161 31.46 -0.29 18.36
N ILE C 162 31.20 -1.14 17.36
CA ILE C 162 30.43 -2.35 17.57
C ILE C 162 31.20 -3.32 18.46
N GLN C 163 32.52 -3.41 18.26
CA GLN C 163 33.39 -4.28 19.08
C GLN C 163 33.29 -3.93 20.57
N LEU C 164 33.43 -2.64 20.85
CA LEU C 164 33.36 -2.17 22.23
C LEU C 164 31.98 -2.43 22.79
N ALA C 165 30.96 -1.98 22.07
CA ALA C 165 29.58 -2.16 22.49
C ALA C 165 29.28 -3.60 22.87
N ILE C 166 29.90 -4.54 22.16
CA ILE C 166 29.69 -5.95 22.43
C ILE C 166 30.48 -6.36 23.69
N LYS C 167 31.72 -5.90 23.78
CA LYS C 167 32.56 -6.21 24.93
C LYS C 167 31.90 -5.76 26.23
N ARG C 168 31.38 -4.54 26.25
CA ARG C 168 30.74 -3.99 27.44
C ARG C 168 29.74 -4.97 28.04
N VAL C 169 28.99 -5.63 27.16
CA VAL C 169 28.00 -6.59 27.62
C VAL C 169 28.65 -7.95 27.85
N SER C 170 29.49 -8.34 26.90
CA SER C 170 30.20 -9.60 26.97
C SER C 170 31.39 -9.47 27.92
N GLY C 171 32.50 -9.86 27.50
N LYS D 2 0.76 15.91 -28.67
CA LYS D 2 0.76 17.03 -27.67
C LYS D 2 1.99 16.94 -26.79
N LEU D 3 2.82 15.92 -27.04
CA LEU D 3 4.04 15.72 -26.26
C LEU D 3 5.23 15.56 -27.18
N SER D 4 6.39 16.02 -26.71
CA SER D 4 7.60 15.94 -27.48
C SER D 4 8.65 15.15 -26.69
N PRO D 5 9.76 14.80 -27.35
CA PRO D 5 10.83 14.04 -26.68
C PRO D 5 11.62 14.91 -25.72
N GLY D 6 11.51 16.23 -25.86
CA GLY D 6 12.23 17.13 -24.98
C GLY D 6 13.20 18.06 -25.69
N LYS D 7 13.27 19.30 -25.21
CA LYS D 7 14.14 20.32 -25.80
C LYS D 7 15.62 19.96 -25.70
N ASN D 8 15.99 19.08 -24.78
CA ASN D 8 17.39 18.70 -24.60
C ASN D 8 17.73 17.28 -25.05
N ALA D 9 16.87 16.69 -25.87
CA ALA D 9 17.12 15.36 -26.37
C ALA D 9 18.44 15.40 -27.14
N PRO D 10 19.25 14.33 -27.08
CA PRO D 10 19.02 13.08 -26.34
C PRO D 10 19.64 13.05 -24.95
N ASP D 11 20.19 14.17 -24.49
CA ASP D 11 20.83 14.21 -23.17
C ASP D 11 19.82 14.03 -22.04
N VAL D 12 18.62 14.56 -22.26
CA VAL D 12 17.53 14.45 -21.30
C VAL D 12 16.27 14.32 -22.14
N VAL D 13 15.49 13.27 -21.91
CA VAL D 13 14.26 13.08 -22.69
C VAL D 13 13.02 12.85 -21.83
N ASN D 14 11.86 13.11 -22.42
CA ASN D 14 10.58 12.92 -21.74
C ASN D 14 10.16 11.48 -21.88
N VAL D 15 9.66 10.91 -20.80
CA VAL D 15 9.19 9.53 -20.81
C VAL D 15 7.78 9.54 -20.23
N LEU D 16 6.83 9.04 -21.01
CA LEU D 16 5.45 8.94 -20.55
C LEU D 16 5.34 7.56 -19.88
N VAL D 17 5.14 7.53 -18.57
CA VAL D 17 5.07 6.25 -17.87
C VAL D 17 3.78 5.45 -18.14
N GLU D 18 3.95 4.16 -18.41
CA GLU D 18 2.82 3.29 -18.69
C GLU D 18 2.67 2.30 -17.55
N ILE D 19 3.78 1.69 -17.16
CA ILE D 19 3.75 0.71 -16.09
C ILE D 19 4.55 1.14 -14.87
N PRO D 20 3.86 1.38 -13.74
CA PRO D 20 4.60 1.79 -12.54
C PRO D 20 5.45 0.64 -12.06
N GLN D 21 6.56 0.96 -11.43
CA GLN D 21 7.47 -0.03 -10.92
C GLN D 21 6.77 -0.90 -9.87
N GLY D 22 7.11 -2.18 -9.86
CA GLY D 22 6.51 -3.10 -8.91
C GLY D 22 5.23 -3.72 -9.43
N SER D 23 4.67 -3.10 -10.47
CA SER D 23 3.44 -3.57 -11.08
C SER D 23 3.56 -4.94 -11.74
N ASN D 24 2.44 -5.65 -11.80
CA ASN D 24 2.41 -6.96 -12.43
C ASN D 24 1.25 -6.97 -13.45
N ILE D 25 0.81 -5.77 -13.79
CA ILE D 25 -0.25 -5.57 -14.77
C ILE D 25 0.38 -4.75 -15.89
N LYS D 26 0.32 -5.28 -17.11
CA LYS D 26 0.90 -4.58 -18.25
C LYS D 26 -0.04 -3.56 -18.86
N TYR D 27 0.15 -2.30 -18.49
CA TYR D 27 -0.67 -1.21 -19.03
C TYR D 27 -0.01 -0.76 -20.33
N GLU D 28 -0.79 -0.17 -21.22
CA GLU D 28 -0.25 0.29 -22.50
C GLU D 28 -1.03 1.54 -22.85
N TYR D 29 -0.32 2.57 -23.25
CA TYR D 29 -0.96 3.82 -23.62
C TYR D 29 -1.44 3.75 -25.06
N ASP D 30 -2.71 4.05 -25.28
CA ASP D 30 -3.28 4.01 -26.63
C ASP D 30 -3.45 5.45 -27.11
N ASP D 31 -2.54 5.90 -27.96
CA ASP D 31 -2.57 7.26 -28.49
C ASP D 31 -3.85 7.58 -29.25
N GLU D 32 -4.41 6.58 -29.93
CA GLU D 32 -5.65 6.76 -30.67
C GLU D 32 -6.76 7.18 -29.70
N GLU D 33 -7.22 6.23 -28.88
CA GLU D 33 -8.27 6.49 -27.92
C GLU D 33 -7.83 7.48 -26.86
N GLY D 34 -6.51 7.61 -26.69
CA GLY D 34 -5.96 8.53 -25.71
C GLY D 34 -6.14 8.06 -24.27
N VAL D 35 -6.12 6.75 -24.06
CA VAL D 35 -6.29 6.20 -22.72
C VAL D 35 -5.24 5.15 -22.39
N ILE D 36 -5.13 4.83 -21.11
CA ILE D 36 -4.22 3.79 -20.66
C ILE D 36 -5.07 2.51 -20.62
N LYS D 37 -4.74 1.54 -21.46
CA LYS D 37 -5.47 0.27 -21.53
C LYS D 37 -4.75 -0.88 -20.84
N VAL D 38 -5.50 -1.80 -20.26
CA VAL D 38 -4.91 -2.95 -19.59
C VAL D 38 -4.71 -4.01 -20.65
N ASP D 39 -3.47 -4.19 -21.09
CA ASP D 39 -3.18 -5.18 -22.10
C ASP D 39 -3.39 -6.58 -21.53
N ARG D 40 -2.72 -6.84 -20.42
CA ARG D 40 -2.82 -8.13 -19.76
C ARG D 40 -2.12 -8.16 -18.41
N VAL D 41 -2.58 -9.07 -17.55
CA VAL D 41 -2.05 -9.27 -16.23
C VAL D 41 -1.03 -10.38 -16.34
N LEU D 42 0.25 -10.05 -16.15
CA LEU D 42 1.33 -11.02 -16.27
C LEU D 42 0.92 -12.41 -15.80
N TYR D 43 1.10 -13.42 -16.66
CA TYR D 43 0.76 -14.80 -16.35
C TYR D 43 1.74 -15.42 -15.37
N THR D 44 2.88 -14.77 -15.18
CA THR D 44 3.89 -15.29 -14.28
C THR D 44 3.86 -14.45 -13.01
N SER D 45 4.42 -15.00 -11.93
CA SER D 45 4.45 -14.30 -10.65
C SER D 45 5.65 -13.35 -10.58
N MET D 46 5.71 -12.39 -11.50
CA MET D 46 6.80 -11.43 -11.55
C MET D 46 6.24 -10.02 -11.58
N ASN D 47 7.10 -9.03 -11.47
CA ASN D 47 6.67 -7.64 -11.52
C ASN D 47 7.79 -6.77 -12.09
N TYR D 48 7.40 -5.72 -12.80
CA TYR D 48 8.35 -4.81 -13.41
C TYR D 48 9.34 -4.21 -12.43
N PRO D 49 10.64 -4.50 -12.62
CA PRO D 49 11.71 -3.99 -11.76
C PRO D 49 12.12 -2.56 -12.12
N PHE D 50 11.20 -1.83 -12.74
CA PHE D 50 11.45 -0.46 -13.16
C PHE D 50 10.16 0.14 -13.69
N ASN D 51 10.13 1.45 -13.83
CA ASN D 51 8.97 2.13 -14.38
C ASN D 51 9.16 2.00 -15.88
N TYR D 52 8.11 1.60 -16.57
CA TYR D 52 8.22 1.39 -18.01
C TYR D 52 7.38 2.38 -18.78
N GLY D 53 7.92 2.83 -19.90
CA GLY D 53 7.21 3.80 -20.73
C GLY D 53 7.92 4.02 -22.04
N PHE D 54 7.53 5.06 -22.78
CA PHE D 54 8.16 5.35 -24.07
C PHE D 54 8.41 6.84 -24.25
N ILE D 55 9.36 7.17 -25.13
CA ILE D 55 9.68 8.56 -25.41
C ILE D 55 8.72 9.05 -26.50
N PRO D 56 7.81 9.97 -26.15
CA PRO D 56 6.88 10.44 -27.18
C PRO D 56 7.62 11.14 -28.32
N GLY D 57 7.07 11.04 -29.53
CA GLY D 57 7.71 11.70 -30.67
C GLY D 57 8.93 11.00 -31.23
N THR D 58 8.99 9.68 -31.07
CA THR D 58 10.11 8.91 -31.60
C THR D 58 9.53 7.71 -32.34
N LEU D 59 10.28 7.19 -33.31
CA LEU D 59 9.84 6.03 -34.08
C LEU D 59 10.99 5.10 -34.38
N GLU D 60 10.79 3.83 -34.10
CA GLU D 60 11.81 2.82 -34.35
C GLU D 60 11.45 2.04 -35.61
N GLU D 61 12.39 1.22 -36.08
CA GLU D 61 12.18 0.43 -37.29
C GLU D 61 10.98 -0.52 -37.18
N ASP D 62 10.58 -0.82 -35.95
CA ASP D 62 9.44 -1.70 -35.71
C ASP D 62 8.12 -0.96 -35.72
N GLY D 63 8.16 0.31 -36.13
CA GLY D 63 6.95 1.12 -36.21
C GLY D 63 6.44 1.66 -34.89
N ASP D 64 7.13 1.34 -33.80
CA ASP D 64 6.72 1.80 -32.47
C ASP D 64 7.69 2.80 -31.89
N PRO D 65 7.23 3.63 -30.94
CA PRO D 65 8.11 4.62 -30.32
C PRO D 65 9.17 3.88 -29.52
N LEU D 66 10.24 4.57 -29.17
CA LEU D 66 11.33 3.96 -28.42
C LEU D 66 10.96 3.78 -26.94
N ASP D 67 11.15 2.58 -26.41
CA ASP D 67 10.86 2.27 -25.01
C ASP D 67 11.97 2.69 -24.05
N VAL D 68 11.60 2.91 -22.79
CA VAL D 68 12.54 3.29 -21.77
C VAL D 68 12.27 2.58 -20.45
N LEU D 69 13.33 2.12 -19.80
CA LEU D 69 13.25 1.45 -18.51
C LEU D 69 13.75 2.49 -17.52
N VAL D 70 12.83 3.20 -16.87
CA VAL D 70 13.21 4.22 -15.89
C VAL D 70 13.50 3.59 -14.54
N ILE D 71 14.74 3.73 -14.08
CA ILE D 71 15.15 3.14 -12.81
C ILE D 71 15.07 4.12 -11.66
N THR D 72 14.24 3.79 -10.67
CA THR D 72 14.06 4.61 -9.46
C THR D 72 13.72 3.64 -8.34
N ASN D 73 13.55 4.15 -7.13
CA ASN D 73 13.17 3.26 -6.02
C ASN D 73 11.80 3.68 -5.51
N TYR D 74 10.96 4.09 -6.45
CA TYR D 74 9.60 4.52 -6.17
C TYR D 74 8.79 4.39 -7.45
N GLN D 75 7.48 4.35 -7.33
CA GLN D 75 6.63 4.22 -8.50
C GLN D 75 6.05 5.55 -8.92
N LEU D 76 5.79 5.65 -10.21
CA LEU D 76 5.21 6.85 -10.79
C LEU D 76 3.83 6.45 -11.27
N TYR D 77 2.95 7.43 -11.45
CA TYR D 77 1.59 7.14 -11.89
C TYR D 77 1.48 6.91 -13.39
N PRO D 78 0.73 5.88 -13.80
CA PRO D 78 0.56 5.60 -15.23
C PRO D 78 0.08 6.88 -15.90
N GLY D 79 0.67 7.24 -17.03
CA GLY D 79 0.23 8.44 -17.72
C GLY D 79 0.94 9.73 -17.31
N SER D 80 1.89 9.65 -16.39
CA SER D 80 2.63 10.84 -15.98
C SER D 80 3.93 10.89 -16.79
N VAL D 81 4.47 12.09 -16.95
CA VAL D 81 5.71 12.26 -17.70
C VAL D 81 6.86 12.62 -16.77
N ILE D 82 8.01 12.00 -17.00
CA ILE D 82 9.19 12.28 -16.20
C ILE D 82 10.40 12.53 -17.12
N GLU D 83 11.32 13.40 -16.71
CA GLU D 83 12.50 13.68 -17.52
C GLU D 83 13.66 12.79 -17.06
N VAL D 84 14.16 11.98 -17.98
CA VAL D 84 15.24 11.07 -17.66
C VAL D 84 16.54 11.30 -18.41
N ARG D 85 17.59 10.64 -17.91
CA ARG D 85 18.92 10.70 -18.48
C ARG D 85 19.23 9.30 -19.00
N PRO D 86 19.42 9.14 -20.31
CA PRO D 86 19.71 7.78 -20.77
C PRO D 86 21.09 7.37 -20.26
N ILE D 87 21.22 6.16 -19.74
CA ILE D 87 22.51 5.69 -19.24
C ILE D 87 22.94 4.41 -19.96
N GLY D 88 22.07 3.90 -20.82
CA GLY D 88 22.41 2.69 -21.54
C GLY D 88 21.30 2.24 -22.46
N ILE D 89 21.48 1.06 -23.03
CA ILE D 89 20.48 0.49 -23.94
C ILE D 89 20.56 -1.03 -23.78
N LEU D 90 19.41 -1.69 -23.92
CA LEU D 90 19.35 -3.14 -23.80
C LEU D 90 18.89 -3.74 -25.11
N TYR D 91 19.70 -4.63 -25.67
CA TYR D 91 19.40 -5.27 -26.94
C TYR D 91 18.81 -6.66 -26.71
N MET D 92 17.73 -6.95 -27.43
CA MET D 92 17.08 -8.24 -27.29
C MET D 92 16.32 -8.65 -28.55
N LYS D 93 15.91 -9.91 -28.56
CA LYS D 93 15.17 -10.45 -29.69
C LYS D 93 14.03 -11.29 -29.12
N ASP D 94 12.84 -11.08 -29.67
CA ASP D 94 11.65 -11.80 -29.25
C ASP D 94 10.98 -12.48 -30.45
N GLU D 95 9.79 -13.03 -30.23
CA GLU D 95 9.06 -13.71 -31.29
C GLU D 95 8.80 -12.81 -32.50
N GLU D 96 8.80 -11.49 -32.29
CA GLU D 96 8.56 -10.53 -33.37
C GLU D 96 9.84 -10.12 -34.09
N GLY D 97 10.97 -10.32 -33.45
CA GLY D 97 12.24 -9.96 -34.05
C GLY D 97 13.18 -9.21 -33.14
N GLU D 98 13.90 -8.26 -33.72
CA GLU D 98 14.86 -7.47 -32.96
C GLU D 98 14.20 -6.34 -32.18
N ASP D 99 14.82 -5.98 -31.07
CA ASP D 99 14.32 -4.89 -30.26
C ASP D 99 15.38 -4.31 -29.33
N ALA D 100 15.25 -3.02 -29.04
CA ALA D 100 16.16 -2.31 -28.16
C ALA D 100 15.34 -1.41 -27.22
N LYS D 101 15.76 -1.37 -25.96
CA LYS D 101 15.08 -0.56 -24.96
C LYS D 101 16.08 0.29 -24.20
N ILE D 102 15.82 1.60 -24.15
CA ILE D 102 16.69 2.53 -23.44
C ILE D 102 16.62 2.32 -21.93
N VAL D 103 17.75 2.50 -21.25
CA VAL D 103 17.77 2.37 -19.78
C VAL D 103 18.12 3.77 -19.28
N ALA D 104 17.32 4.31 -18.36
CA ALA D 104 17.57 5.66 -17.87
C ALA D 104 17.26 5.84 -16.38
N VAL D 105 17.76 6.93 -15.82
CA VAL D 105 17.51 7.30 -14.43
C VAL D 105 16.94 8.71 -14.51
N PRO D 106 16.26 9.17 -13.44
CA PRO D 106 15.70 10.53 -13.51
C PRO D 106 16.79 11.58 -13.69
N LYS D 107 16.47 12.66 -14.38
CA LYS D 107 17.46 13.72 -14.58
C LYS D 107 17.85 14.25 -13.20
N ASP D 108 19.10 14.69 -13.07
CA ASP D 108 19.64 15.16 -11.79
C ASP D 108 18.78 16.09 -10.94
N LYS D 109 18.16 17.10 -11.55
CA LYS D 109 17.34 18.06 -10.83
C LYS D 109 16.07 17.40 -10.27
N THR D 110 15.60 16.37 -10.96
CA THR D 110 14.42 15.65 -10.55
C THR D 110 14.72 14.73 -9.38
N ASP D 111 15.88 14.09 -9.40
CA ASP D 111 16.27 13.19 -8.31
C ASP D 111 17.79 13.09 -8.25
N PRO D 112 18.42 13.96 -7.46
CA PRO D 112 19.87 13.96 -7.31
C PRO D 112 20.50 12.70 -6.71
N SER D 113 19.71 11.73 -6.30
CA SER D 113 20.32 10.54 -5.70
C SER D 113 20.76 9.52 -6.75
N PHE D 114 20.55 9.85 -8.02
CA PHE D 114 20.96 8.95 -9.10
C PHE D 114 22.04 9.63 -9.94
N SER D 115 22.59 10.71 -9.41
CA SER D 115 23.61 11.49 -10.10
C SER D 115 24.93 10.75 -10.33
N ASN D 116 25.24 9.79 -9.48
CA ASN D 116 26.48 9.01 -9.58
C ASN D 116 26.37 7.85 -10.58
N ILE D 117 25.16 7.62 -11.09
CA ILE D 117 24.93 6.58 -12.10
C ILE D 117 24.93 7.29 -13.44
N LYS D 118 26.07 7.31 -14.12
CA LYS D 118 26.14 7.99 -15.41
C LYS D 118 26.13 7.07 -16.63
N ASP D 119 26.45 5.80 -16.39
CA ASP D 119 26.46 4.81 -17.45
C ASP D 119 26.03 3.42 -16.97
N ILE D 120 25.66 2.58 -17.93
CA ILE D 120 25.20 1.23 -17.65
C ILE D 120 26.11 0.43 -16.72
N ASN D 121 27.40 0.71 -16.74
CA ASN D 121 28.34 -0.02 -15.89
C ASN D 121 28.35 0.48 -14.46
N ASP D 122 27.53 1.50 -14.20
CA ASP D 122 27.42 2.07 -12.87
C ASP D 122 26.36 1.32 -12.06
N LEU D 123 25.56 0.51 -12.75
CA LEU D 123 24.52 -0.29 -12.11
C LEU D 123 25.11 -1.56 -11.51
N PRO D 124 24.68 -1.93 -10.30
CA PRO D 124 25.21 -3.16 -9.68
C PRO D 124 24.94 -4.35 -10.59
N GLN D 125 25.86 -5.32 -10.59
CA GLN D 125 25.68 -6.51 -11.42
C GLN D 125 24.35 -7.18 -11.10
N ALA D 126 24.01 -7.25 -9.81
CA ALA D 126 22.76 -7.87 -9.36
C ALA D 126 21.54 -7.23 -10.02
N THR D 127 21.55 -5.92 -10.15
CA THR D 127 20.44 -5.21 -10.77
C THR D 127 20.31 -5.55 -12.25
N LYS D 128 21.44 -5.68 -12.94
CA LYS D 128 21.44 -6.00 -14.35
C LYS D 128 20.91 -7.42 -14.56
N ASN D 129 21.37 -8.34 -13.72
CA ASN D 129 20.94 -9.73 -13.79
C ASN D 129 19.44 -9.83 -13.57
N LYS D 130 18.92 -9.06 -12.62
CA LYS D 130 17.50 -9.06 -12.33
C LYS D 130 16.69 -8.62 -13.53
N ILE D 131 17.11 -7.50 -14.14
CA ILE D 131 16.42 -6.98 -15.32
C ILE D 131 16.47 -7.97 -16.48
N VAL D 132 17.63 -8.54 -16.74
CA VAL D 132 17.76 -9.49 -17.82
C VAL D 132 16.87 -10.70 -17.58
N HIS D 133 16.94 -11.25 -16.37
CA HIS D 133 16.13 -12.42 -16.01
C HIS D 133 14.65 -12.10 -16.18
N PHE D 134 14.25 -10.88 -15.81
CA PHE D 134 12.87 -10.48 -15.93
C PHE D 134 12.37 -10.61 -17.37
N PHE D 135 13.04 -9.94 -18.28
CA PHE D 135 12.65 -9.97 -19.68
C PHE D 135 12.61 -11.37 -20.27
N GLU D 136 13.51 -12.22 -19.80
CA GLU D 136 13.60 -13.58 -20.33
C GLU D 136 12.61 -14.58 -19.74
N HIS D 137 11.82 -14.16 -18.74
CA HIS D 137 10.89 -15.10 -18.13
C HIS D 137 9.48 -14.61 -17.90
N TYR D 138 9.25 -13.31 -17.96
CA TYR D 138 7.91 -12.81 -17.69
C TYR D 138 6.84 -13.16 -18.72
N LYS D 139 7.24 -13.52 -19.94
CA LYS D 139 6.26 -13.87 -20.98
C LYS D 139 6.24 -15.37 -21.27
N GLU D 140 7.14 -16.11 -20.64
CA GLU D 140 7.27 -17.55 -20.83
C GLU D 140 5.94 -18.30 -20.92
N LEU D 141 5.08 -18.13 -19.92
CA LEU D 141 3.79 -18.80 -19.88
C LEU D 141 2.81 -18.36 -20.95
N GLU D 142 3.16 -17.33 -21.73
CA GLU D 142 2.28 -16.87 -22.81
C GLU D 142 2.64 -17.68 -24.05
N PRO D 143 1.64 -18.34 -24.65
CA PRO D 143 1.80 -19.18 -25.85
C PRO D 143 2.47 -18.53 -27.05
N GLY D 144 3.62 -19.08 -27.44
CA GLY D 144 4.34 -18.56 -28.60
C GLY D 144 5.17 -17.30 -28.43
N LYS D 145 5.28 -16.81 -27.21
CA LYS D 145 6.07 -15.62 -26.96
C LYS D 145 7.36 -16.02 -26.27
N TYR D 146 8.41 -15.22 -26.49
CA TYR D 146 9.71 -15.48 -25.90
C TYR D 146 10.62 -14.27 -26.08
N VAL D 147 11.64 -14.19 -25.25
CA VAL D 147 12.60 -13.08 -25.31
C VAL D 147 14.00 -13.57 -24.96
N LYS D 148 15.00 -13.09 -25.70
CA LYS D 148 16.39 -13.45 -25.46
C LYS D 148 17.22 -12.18 -25.50
N ILE D 149 17.94 -11.91 -24.42
CA ILE D 149 18.76 -10.70 -24.33
C ILE D 149 20.07 -10.84 -25.10
N SER D 150 20.33 -9.91 -26.01
CA SER D 150 21.55 -9.92 -26.81
C SER D 150 22.70 -9.35 -25.99
N GLY D 151 22.52 -8.15 -25.47
CA GLY D 151 23.55 -7.53 -24.66
C GLY D 151 23.21 -6.10 -24.31
N TRP D 152 24.15 -5.43 -23.67
CA TRP D 152 23.98 -4.04 -23.24
C TRP D 152 24.75 -3.03 -24.09
N GLY D 153 24.33 -1.78 -24.03
CA GLY D 153 25.00 -0.72 -24.76
C GLY D 153 25.30 0.42 -23.80
N SER D 154 26.27 1.25 -24.14
CA SER D 154 26.66 2.38 -23.31
C SER D 154 25.71 3.56 -23.49
N ALA D 155 25.87 4.56 -22.64
CA ALA D 155 25.04 5.76 -22.70
C ALA D 155 25.14 6.45 -24.06
N THR D 156 26.37 6.53 -24.59
CA THR D 156 26.60 7.17 -25.88
C THR D 156 25.80 6.48 -26.97
N GLU D 157 25.82 5.16 -26.89
CA GLU D 157 25.08 4.32 -27.82
C GLU D 157 23.60 4.67 -27.73
N ALA D 158 23.08 4.67 -26.50
CA ALA D 158 21.69 4.98 -26.25
C ALA D 158 21.31 6.35 -26.79
N LYS D 159 22.16 7.35 -26.57
CA LYS D 159 21.90 8.70 -27.04
C LYS D 159 21.73 8.75 -28.57
N ASN D 160 22.46 7.89 -29.26
CA ASN D 160 22.39 7.83 -30.73
C ASN D 160 21.06 7.25 -31.18
N ARG D 161 20.68 6.13 -30.58
CA ARG D 161 19.44 5.44 -30.89
C ARG D 161 18.29 6.43 -30.77
N ILE D 162 18.34 7.25 -29.71
CA ILE D 162 17.32 8.25 -29.48
C ILE D 162 17.34 9.31 -30.57
N GLN D 163 18.53 9.69 -31.02
CA GLN D 163 18.68 10.69 -32.07
C GLN D 163 18.00 10.25 -33.36
N LEU D 164 18.28 9.02 -33.77
CA LEU D 164 17.69 8.46 -34.98
C LEU D 164 16.19 8.36 -34.81
N ALA D 165 15.75 7.75 -33.72
CA ALA D 165 14.33 7.58 -33.43
C ALA D 165 13.58 8.90 -33.53
N ILE D 166 14.24 10.00 -33.15
CA ILE D 166 13.60 11.31 -33.22
C ILE D 166 13.59 11.80 -34.66
N LYS D 167 14.71 11.58 -35.33
CA LYS D 167 14.89 11.99 -36.72
C LYS D 167 13.83 11.37 -37.63
N ARG D 168 13.57 10.08 -37.44
CA ARG D 168 12.59 9.34 -38.23
C ARG D 168 11.25 10.05 -38.23
N VAL D 169 10.85 10.56 -37.07
CA VAL D 169 9.58 11.26 -36.97
C VAL D 169 9.74 12.69 -37.45
N SER D 170 10.89 13.28 -37.20
CA SER D 170 11.14 14.63 -37.66
C SER D 170 12.09 14.65 -38.85
N GLY D 171 11.77 13.98 -39.86
N LYS E 2 -11.42 23.55 -19.84
CA LYS E 2 -12.56 22.57 -19.79
C LYS E 2 -13.06 22.41 -18.37
N LEU E 3 -12.43 23.14 -17.44
CA LEU E 3 -12.81 23.08 -16.03
C LEU E 3 -13.04 24.48 -15.49
N SER E 4 -13.96 24.57 -14.54
CA SER E 4 -14.27 25.85 -13.94
C SER E 4 -14.05 25.77 -12.44
N PRO E 5 -14.10 26.92 -11.74
CA PRO E 5 -13.92 26.94 -10.30
C PRO E 5 -15.13 26.39 -9.54
N GLY E 6 -16.28 26.33 -10.23
CA GLY E 6 -17.48 25.82 -9.61
C GLY E 6 -18.63 26.80 -9.56
N LYS E 7 -19.85 26.29 -9.76
CA LYS E 7 -21.04 27.11 -9.76
C LYS E 7 -21.33 27.79 -8.43
N ASN E 8 -20.76 27.26 -7.35
CA ASN E 8 -20.98 27.83 -6.01
C ASN E 8 -19.78 28.54 -5.41
N ALA E 9 -18.82 28.90 -6.23
CA ALA E 9 -17.64 29.60 -5.75
C ALA E 9 -18.13 30.90 -5.13
N PRO E 10 -17.48 31.37 -4.05
CA PRO E 10 -16.33 30.76 -3.38
C PRO E 10 -16.69 29.86 -2.19
N ASP E 11 -17.98 29.61 -1.98
CA ASP E 11 -18.42 28.77 -0.87
C ASP E 11 -17.97 27.32 -1.05
N VAL E 12 -17.97 26.87 -2.28
CA VAL E 12 -17.53 25.52 -2.61
C VAL E 12 -16.81 25.65 -3.95
N VAL E 13 -15.58 25.16 -4.04
CA VAL E 13 -14.84 25.26 -5.30
C VAL E 13 -14.23 23.94 -5.77
N ASN E 14 -13.94 23.86 -7.06
CA ASN E 14 -13.34 22.67 -7.65
C ASN E 14 -11.85 22.74 -7.46
N VAL E 15 -11.24 21.61 -7.11
CA VAL E 15 -9.80 21.56 -6.92
C VAL E 15 -9.31 20.37 -7.73
N LEU E 16 -8.39 20.63 -8.66
CA LEU E 16 -7.80 19.57 -9.47
C LEU E 16 -6.58 19.09 -8.69
N VAL E 17 -6.61 17.85 -8.20
CA VAL E 17 -5.49 17.35 -7.40
C VAL E 17 -4.25 17.04 -8.21
N GLU E 18 -3.11 17.49 -7.71
CA GLU E 18 -1.82 17.26 -8.37
C GLU E 18 -0.97 16.32 -7.53
N ILE E 19 -0.93 16.57 -6.24
CA ILE E 19 -0.12 15.75 -5.35
C ILE E 19 -0.97 15.04 -4.31
N PRO E 20 -1.03 13.70 -4.38
CA PRO E 20 -1.84 12.99 -3.39
C PRO E 20 -1.17 13.10 -2.03
N GLN E 21 -1.99 13.09 -0.99
CA GLN E 21 -1.48 13.19 0.37
C GLN E 21 -0.54 12.04 0.68
N GLY E 22 0.50 12.33 1.44
CA GLY E 22 1.47 11.31 1.82
C GLY E 22 2.59 11.19 0.81
N SER E 23 2.37 11.75 -0.37
CA SER E 23 3.36 11.72 -1.45
C SER E 23 4.63 12.51 -1.14
N ASN E 24 5.73 12.08 -1.74
CA ASN E 24 7.01 12.75 -1.57
C ASN E 24 7.58 13.08 -2.96
N ILE E 25 6.71 13.04 -3.95
CA ILE E 25 7.03 13.34 -5.33
C ILE E 25 6.16 14.54 -5.72
N LYS E 26 6.81 15.62 -6.15
CA LYS E 26 6.07 16.81 -6.52
C LYS E 26 5.58 16.77 -7.96
N TYR E 27 4.32 16.41 -8.13
CA TYR E 27 3.70 16.36 -9.46
C TYR E 27 3.18 17.75 -9.77
N GLU E 28 3.08 18.05 -11.06
CA GLU E 28 2.61 19.35 -11.49
C GLU E 28 1.76 19.11 -12.72
N TYR E 29 0.61 19.77 -12.77
CA TYR E 29 -0.26 19.63 -13.92
C TYR E 29 0.14 20.66 -14.97
N ASP E 30 0.41 20.20 -16.18
CA ASP E 30 0.80 21.09 -17.27
C ASP E 30 -0.38 21.27 -18.20
N ASP E 31 -1.07 22.40 -18.09
CA ASP E 31 -2.24 22.71 -18.92
C ASP E 31 -1.94 22.70 -20.41
N GLU E 32 -0.73 23.12 -20.78
CA GLU E 32 -0.32 23.14 -22.17
C GLU E 32 -0.37 21.72 -22.72
N GLU E 33 0.59 20.90 -22.30
CA GLU E 33 0.66 19.50 -22.76
C GLU E 33 -0.55 18.69 -22.29
N GLY E 34 -1.20 19.18 -21.23
CA GLY E 34 -2.37 18.50 -20.69
C GLY E 34 -2.03 17.22 -19.95
N VAL E 35 -0.86 17.18 -19.30
CA VAL E 35 -0.44 15.99 -18.57
C VAL E 35 0.07 16.34 -17.19
N ILE E 36 0.22 15.32 -16.34
CA ILE E 36 0.73 15.50 -14.99
C ILE E 36 2.24 15.20 -15.12
N LYS E 37 3.08 16.22 -14.91
CA LYS E 37 4.54 16.03 -14.98
C LYS E 37 5.21 15.93 -13.62
N VAL E 38 6.27 15.12 -13.57
CA VAL E 38 7.01 14.95 -12.33
C VAL E 38 8.02 16.08 -12.27
N ASP E 39 7.75 17.09 -11.46
CA ASP E 39 8.65 18.23 -11.33
C ASP E 39 9.94 17.78 -10.65
N ARG E 40 9.79 17.15 -9.49
CA ARG E 40 10.93 16.67 -8.74
C ARG E 40 10.50 15.79 -7.57
N VAL E 41 11.46 15.00 -7.10
CA VAL E 41 11.27 14.11 -5.97
C VAL E 41 11.90 14.83 -4.78
N LEU E 42 11.08 15.28 -3.84
CA LEU E 42 11.55 16.01 -2.66
C LEU E 42 12.94 15.54 -2.22
N TYR E 43 13.87 16.49 -2.08
CA TYR E 43 15.24 16.19 -1.66
C TYR E 43 15.31 15.88 -0.16
N THR E 44 14.25 16.24 0.55
CA THR E 44 14.20 15.99 1.99
C THR E 44 13.32 14.77 2.25
N SER E 45 13.47 14.16 3.42
CA SER E 45 12.68 13.00 3.78
C SER E 45 11.34 13.42 4.39
N MET E 46 10.55 14.16 3.62
CA MET E 46 9.25 14.63 4.05
C MET E 46 8.19 14.22 3.04
N ASN E 47 6.93 14.46 3.37
CA ASN E 47 5.83 14.14 2.46
C ASN E 47 4.66 15.08 2.71
N TYR E 48 3.93 15.36 1.65
CA TYR E 48 2.80 16.27 1.72
C TYR E 48 1.75 15.84 2.74
N PRO E 49 1.51 16.68 3.77
CA PRO E 49 0.53 16.39 4.83
C PRO E 49 -0.89 16.75 4.40
N PHE E 50 -1.11 16.77 3.09
CA PHE E 50 -2.42 17.11 2.53
C PHE E 50 -2.40 16.87 1.03
N ASN E 51 -3.58 16.84 0.43
CA ASN E 51 -3.68 16.67 -1.02
C ASN E 51 -3.47 18.08 -1.54
N TYR E 52 -2.60 18.21 -2.53
CA TYR E 52 -2.28 19.52 -3.08
C TYR E 52 -2.77 19.68 -4.52
N GLY E 53 -3.29 20.86 -4.82
CA GLY E 53 -3.80 21.12 -6.15
C GLY E 53 -4.14 22.60 -6.32
N PHE E 54 -4.86 22.93 -7.39
CA PHE E 54 -5.24 24.31 -7.65
C PHE E 54 -6.68 24.44 -8.13
N ILE E 55 -7.24 25.62 -7.96
CA ILE E 55 -8.61 25.88 -8.40
C ILE E 55 -8.54 26.28 -9.87
N PRO E 56 -9.07 25.45 -10.77
CA PRO E 56 -9.01 25.83 -12.18
C PRO E 56 -9.82 27.12 -12.44
N GLY E 57 -9.38 27.91 -13.41
CA GLY E 57 -10.09 29.13 -13.74
C GLY E 57 -9.89 30.30 -12.79
N THR E 58 -8.74 30.33 -12.14
CA THR E 58 -8.42 31.43 -11.23
C THR E 58 -7.02 31.92 -11.56
N LEU E 59 -6.74 33.17 -11.24
CA LEU E 59 -5.42 33.72 -11.50
C LEU E 59 -4.99 34.66 -10.38
N GLU E 60 -3.77 34.46 -9.90
CA GLU E 60 -3.24 35.28 -8.82
C GLU E 60 -2.25 36.29 -9.40
N GLU E 61 -1.83 37.25 -8.58
CA GLU E 61 -0.89 38.27 -9.01
C GLU E 61 0.43 37.69 -9.52
N ASP E 62 0.73 36.45 -9.12
CA ASP E 62 1.98 35.79 -9.54
C ASP E 62 1.82 35.07 -10.87
N GLY E 63 0.69 35.32 -11.53
CA GLY E 63 0.44 34.70 -12.83
C GLY E 63 0.02 33.25 -12.81
N ASP E 64 -0.08 32.67 -11.62
CA ASP E 64 -0.49 31.28 -11.47
C ASP E 64 -1.86 31.14 -10.83
N PRO E 65 -2.53 30.00 -11.04
CA PRO E 65 -3.85 29.78 -10.45
C PRO E 65 -3.68 29.69 -8.95
N LEU E 66 -4.77 29.84 -8.20
CA LEU E 66 -4.73 29.79 -6.75
C LEU E 66 -4.59 28.35 -6.25
N ASP E 67 -3.62 28.12 -5.36
CA ASP E 67 -3.39 26.78 -4.80
C ASP E 67 -4.32 26.45 -3.64
N VAL E 68 -4.50 25.15 -3.40
CA VAL E 68 -5.34 24.69 -2.31
C VAL E 68 -4.72 23.50 -1.60
N LEU E 69 -4.79 23.52 -0.27
CA LEU E 69 -4.29 22.42 0.56
C LEU E 69 -5.56 21.68 1.02
N VAL E 70 -5.89 20.58 0.35
CA VAL E 70 -7.09 19.84 0.71
C VAL E 70 -6.79 18.86 1.85
N ILE E 71 -7.44 19.07 2.98
CA ILE E 71 -7.21 18.23 4.16
C ILE E 71 -8.20 17.08 4.28
N THR E 72 -7.69 15.86 4.24
CA THR E 72 -8.49 14.64 4.35
C THR E 72 -7.60 13.60 5.03
N ASN E 73 -8.11 12.40 5.27
CA ASN E 73 -7.27 11.36 5.88
C ASN E 73 -7.17 10.21 4.88
N TYR E 74 -7.10 10.57 3.62
CA TYR E 74 -6.99 9.61 2.54
C TYR E 74 -6.41 10.34 1.33
N GLN E 75 -5.86 9.59 0.39
CA GLN E 75 -5.29 10.20 -0.80
C GLN E 75 -6.23 10.14 -1.98
N LEU E 76 -6.09 11.13 -2.85
CA LEU E 76 -6.89 11.22 -4.05
C LEU E 76 -5.92 11.00 -5.21
N TYR E 77 -6.45 10.65 -6.37
CA TYR E 77 -5.60 10.37 -7.53
C TYR E 77 -5.19 11.64 -8.25
N PRO E 78 -3.89 11.73 -8.63
CA PRO E 78 -3.42 12.92 -9.36
C PRO E 78 -4.31 13.13 -10.58
N GLY E 79 -4.77 14.35 -10.79
CA GLY E 79 -5.61 14.60 -11.95
C GLY E 79 -7.10 14.47 -11.71
N SER E 80 -7.51 14.14 -10.48
CA SER E 80 -8.93 14.02 -10.17
C SER E 80 -9.40 15.34 -9.58
N VAL E 81 -10.70 15.62 -9.72
CA VAL E 81 -11.26 16.86 -9.20
C VAL E 81 -12.13 16.58 -7.98
N ILE E 82 -12.01 17.41 -6.95
CA ILE E 82 -12.82 17.25 -5.75
C ILE E 82 -13.41 18.62 -5.35
N GLU E 83 -14.62 18.62 -4.79
CA GLU E 83 -15.25 19.87 -4.38
C GLU E 83 -14.96 20.13 -2.91
N VAL E 84 -14.34 21.27 -2.64
CA VAL E 84 -13.95 21.59 -1.28
C VAL E 84 -14.61 22.85 -0.72
N ARG E 85 -14.45 23.01 0.59
CA ARG E 85 -14.98 24.15 1.32
C ARG E 85 -13.77 24.90 1.86
N PRO E 86 -13.55 26.14 1.43
CA PRO E 86 -12.37 26.83 1.98
C PRO E 86 -12.61 27.10 3.47
N ILE E 87 -11.61 26.84 4.30
CA ILE E 87 -11.75 27.10 5.73
C ILE E 87 -10.68 28.09 6.21
N GLY E 88 -9.77 28.46 5.33
CA GLY E 88 -8.73 29.39 5.71
C GLY E 88 -7.77 29.66 4.58
N ILE E 89 -6.70 30.38 4.92
CA ILE E 89 -5.67 30.74 3.94
C ILE E 89 -4.34 30.81 4.66
N LEU E 90 -3.29 30.44 3.97
CA LEU E 90 -1.96 30.46 4.58
C LEU E 90 -1.08 31.45 3.80
N TYR E 91 -0.52 32.42 4.51
CA TYR E 91 0.32 33.44 3.90
C TYR E 91 1.78 33.11 4.10
N MET E 92 2.56 33.23 3.03
CA MET E 92 3.99 32.92 3.10
C MET E 92 4.81 33.70 2.09
N LYS E 93 6.12 33.62 2.27
CA LYS E 93 7.07 34.28 1.40
C LYS E 93 8.20 33.32 1.06
N ASP E 94 8.53 33.22 -0.22
CA ASP E 94 9.60 32.35 -0.68
C ASP E 94 10.61 33.14 -1.51
N GLU E 95 11.56 32.44 -2.11
CA GLU E 95 12.58 33.07 -2.92
C GLU E 95 12.00 33.91 -4.07
N GLU E 96 10.79 33.57 -4.49
CA GLU E 96 10.12 34.28 -5.59
C GLU E 96 9.31 35.49 -5.12
N GLY E 97 8.97 35.50 -3.83
CA GLY E 97 8.20 36.61 -3.30
C GLY E 97 7.05 36.19 -2.42
N GLU E 98 5.96 36.96 -2.50
CA GLU E 98 4.77 36.69 -1.71
C GLU E 98 3.93 35.58 -2.27
N ASP E 99 3.22 34.87 -1.39
CA ASP E 99 2.34 33.79 -1.81
C ASP E 99 1.29 33.44 -0.77
N ALA E 100 0.14 32.98 -1.25
CA ALA E 100 -0.97 32.60 -0.39
C ALA E 100 -1.56 31.30 -0.92
N LYS E 101 -1.89 30.40 0.00
CA LYS E 101 -2.47 29.10 -0.36
C LYS E 101 -3.75 28.84 0.44
N ILE E 102 -4.83 28.52 -0.25
CA ILE E 102 -6.11 28.24 0.40
C ILE E 102 -6.05 26.91 1.17
N VAL E 103 -6.71 26.85 2.32
CA VAL E 103 -6.78 25.63 3.10
C VAL E 103 -8.24 25.20 3.08
N ALA E 104 -8.51 23.96 2.68
CA ALA E 104 -9.89 23.49 2.58
C ALA E 104 -10.11 22.03 2.97
N VAL E 105 -11.37 21.68 3.23
CA VAL E 105 -11.76 20.32 3.56
C VAL E 105 -12.80 19.96 2.51
N PRO E 106 -13.08 18.66 2.33
CA PRO E 106 -14.09 18.29 1.32
C PRO E 106 -15.45 18.88 1.65
N LYS E 107 -16.24 19.20 0.64
CA LYS E 107 -17.57 19.74 0.89
C LYS E 107 -18.38 18.68 1.66
N ASP E 108 -19.28 19.13 2.52
CA ASP E 108 -20.07 18.23 3.37
C ASP E 108 -20.66 16.97 2.75
N LYS E 109 -21.31 17.09 1.59
CA LYS E 109 -21.92 15.93 0.93
C LYS E 109 -20.87 14.91 0.51
N THR E 110 -19.67 15.40 0.18
CA THR E 110 -18.58 14.55 -0.26
C THR E 110 -17.98 13.77 0.90
N ASP E 111 -17.87 14.42 2.06
CA ASP E 111 -17.31 13.77 3.24
C ASP E 111 -17.80 14.47 4.50
N PRO E 112 -18.96 14.03 5.02
CA PRO E 112 -19.55 14.61 6.22
C PRO E 112 -18.73 14.52 7.50
N SER E 113 -17.57 13.89 7.48
CA SER E 113 -16.80 13.80 8.72
C SER E 113 -15.91 15.03 8.94
N PHE E 114 -16.01 16.00 8.04
CA PHE E 114 -15.22 17.23 8.18
C PHE E 114 -16.16 18.39 8.35
N SER E 115 -17.43 18.08 8.61
CA SER E 115 -18.47 19.10 8.76
C SER E 115 -18.30 20.05 9.93
N ASN E 116 -17.63 19.61 10.99
CA ASN E 116 -17.45 20.45 12.17
C ASN E 116 -16.29 21.43 11.99
N ILE E 117 -15.42 21.14 11.02
CA ILE E 117 -14.28 22.01 10.75
C ILE E 117 -14.78 23.10 9.81
N LYS E 118 -15.18 24.24 10.36
CA LYS E 118 -15.70 25.32 9.51
C LYS E 118 -14.72 26.47 9.28
N ASP E 119 -13.71 26.56 10.12
CA ASP E 119 -12.70 27.59 10.01
C ASP E 119 -11.32 27.11 10.46
N ILE E 120 -10.29 27.84 10.05
CA ILE E 120 -8.91 27.52 10.36
C ILE E 120 -8.64 27.25 11.84
N ASN E 121 -9.41 27.87 12.73
CA ASN E 121 -9.21 27.67 14.16
C ASN E 121 -9.83 26.37 14.68
N ASP E 122 -10.47 25.63 13.78
CA ASP E 122 -11.10 24.37 14.11
C ASP E 122 -10.07 23.26 13.97
N LEU E 123 -8.94 23.55 13.33
CA LEU E 123 -7.89 22.57 13.15
C LEU E 123 -7.01 22.46 14.41
N PRO E 124 -6.63 21.26 14.80
CA PRO E 124 -5.80 21.09 16.00
C PRO E 124 -4.51 21.88 15.84
N GLN E 125 -3.98 22.43 16.93
CA GLN E 125 -2.75 23.19 16.85
C GLN E 125 -1.63 22.36 16.23
N ALA E 126 -1.57 21.08 16.61
CA ALA E 126 -0.57 20.15 16.12
C ALA E 126 -0.59 20.05 14.60
N THR E 127 -1.79 20.05 14.02
CA THR E 127 -1.92 19.94 12.58
C THR E 127 -1.38 21.19 11.88
N LYS E 128 -1.66 22.36 12.47
CA LYS E 128 -1.20 23.63 11.90
C LYS E 128 0.33 23.68 11.96
N ASN E 129 0.90 23.30 13.10
CA ASN E 129 2.34 23.29 13.27
C ASN E 129 3.01 22.38 12.25
N LYS E 130 2.39 21.23 12.00
CA LYS E 130 2.93 20.27 11.06
C LYS E 130 2.98 20.87 9.65
N ILE E 131 1.86 21.48 9.24
CA ILE E 131 1.79 22.11 7.93
C ILE E 131 2.80 23.23 7.79
N VAL E 132 2.87 24.11 8.79
CA VAL E 132 3.83 25.21 8.74
C VAL E 132 5.24 24.68 8.64
N HIS E 133 5.59 23.73 9.52
CA HIS E 133 6.94 23.16 9.51
C HIS E 133 7.24 22.54 8.16
N PHE E 134 6.25 21.90 7.55
CA PHE E 134 6.47 21.27 6.24
C PHE E 134 6.92 22.28 5.22
N PHE E 135 6.14 23.34 5.03
CA PHE E 135 6.49 24.36 4.05
C PHE E 135 7.85 25.02 4.30
N GLU E 136 8.21 25.16 5.56
CA GLU E 136 9.48 25.79 5.90
C GLU E 136 10.71 24.88 5.82
N HIS E 137 10.53 23.60 5.54
CA HIS E 137 11.69 22.71 5.48
C HIS E 137 11.77 21.77 4.30
N TYR E 138 10.69 21.58 3.56
CA TYR E 138 10.73 20.64 2.46
C TYR E 138 11.59 21.04 1.26
N LYS E 139 11.88 22.34 1.11
CA LYS E 139 12.71 22.80 0.00
C LYS E 139 14.12 23.18 0.43
N GLU E 140 14.36 23.16 1.74
CA GLU E 140 15.66 23.54 2.31
C GLU E 140 16.87 23.06 1.54
N LEU E 141 16.93 21.75 1.27
CA LEU E 141 18.06 21.17 0.56
C LEU E 141 18.17 21.57 -0.91
N GLU E 142 17.18 22.31 -1.41
CA GLU E 142 17.22 22.76 -2.80
C GLU E 142 17.96 24.10 -2.80
N PRO E 143 19.02 24.20 -3.62
CA PRO E 143 19.85 25.40 -3.75
C PRO E 143 19.13 26.70 -4.07
N GLY E 144 19.21 27.66 -3.15
CA GLY E 144 18.58 28.96 -3.35
C GLY E 144 17.08 29.09 -3.15
N LYS E 145 16.42 28.02 -2.69
CA LYS E 145 14.99 28.06 -2.46
C LYS E 145 14.77 28.11 -0.94
N TYR E 146 13.69 28.77 -0.51
CA TYR E 146 13.35 28.90 0.91
C TYR E 146 11.91 29.38 1.06
N VAL E 147 11.33 29.15 2.22
CA VAL E 147 9.95 29.55 2.49
C VAL E 147 9.80 29.98 3.95
N LYS E 148 9.05 31.06 4.17
CA LYS E 148 8.81 31.56 5.52
C LYS E 148 7.32 31.87 5.64
N ILE E 149 6.67 31.26 6.63
CA ILE E 149 5.24 31.46 6.83
C ILE E 149 4.94 32.78 7.52
N SER E 150 4.09 33.59 6.91
CA SER E 150 3.70 34.89 7.48
C SER E 150 2.64 34.67 8.54
N GLY E 151 1.56 33.98 8.17
CA GLY E 151 0.49 33.74 9.12
C GLY E 151 -0.71 33.10 8.46
N TRP E 152 -1.78 32.95 9.25
CA TRP E 152 -3.02 32.33 8.77
C TRP E 152 -4.16 33.34 8.57
N GLY E 153 -5.13 32.96 7.76
CA GLY E 153 -6.29 33.81 7.52
C GLY E 153 -7.54 32.99 7.76
N SER E 154 -8.65 33.68 8.03
CA SER E 154 -9.92 33.01 8.29
C SER E 154 -10.61 32.58 7.00
N ALA E 155 -11.68 31.82 7.13
CA ALA E 155 -12.43 31.34 5.99
C ALA E 155 -12.96 32.49 5.13
N THR E 156 -13.45 33.54 5.80
CA THR E 156 -13.99 34.70 5.09
C THR E 156 -12.91 35.31 4.22
N GLU E 157 -11.73 35.41 4.79
CA GLU E 157 -10.57 35.94 4.09
C GLU E 157 -10.32 35.10 2.85
N ALA E 158 -10.24 33.78 3.04
CA ALA E 158 -10.01 32.84 1.95
C ALA E 158 -11.06 32.97 0.85
N LYS E 159 -12.32 33.10 1.23
CA LYS E 159 -13.40 33.24 0.26
C LYS E 159 -13.22 34.47 -0.64
N ASN E 160 -12.65 35.53 -0.08
CA ASN E 160 -12.40 36.76 -0.81
C ASN E 160 -11.27 36.58 -1.84
N ARG E 161 -10.17 35.99 -1.39
CA ARG E 161 -9.03 35.73 -2.24
C ARG E 161 -9.49 34.95 -3.45
N ILE E 162 -10.38 33.98 -3.23
CA ILE E 162 -10.91 33.15 -4.31
C ILE E 162 -11.77 34.00 -5.25
N GLN E 163 -12.53 34.93 -4.69
CA GLN E 163 -13.39 35.80 -5.49
C GLN E 163 -12.56 36.63 -6.47
N LEU E 164 -11.52 37.26 -5.96
CA LEU E 164 -10.64 38.08 -6.80
C LEU E 164 -9.98 37.21 -7.85
N ALA E 165 -9.36 36.11 -7.40
CA ALA E 165 -8.67 35.20 -8.30
C ALA E 165 -9.58 34.77 -9.46
N ILE E 166 -10.86 34.66 -9.20
CA ILE E 166 -11.82 34.26 -10.24
C ILE E 166 -12.11 35.45 -11.15
N LYS E 167 -12.32 36.62 -10.56
CA LYS E 167 -12.61 37.83 -11.32
C LYS E 167 -11.48 38.12 -12.32
N ARG E 168 -10.23 38.06 -11.84
CA ARG E 168 -9.07 38.32 -12.70
C ARG E 168 -9.19 37.59 -14.02
N VAL E 169 -9.63 36.34 -13.97
CA VAL E 169 -9.78 35.55 -15.17
C VAL E 169 -11.11 35.80 -15.87
N SER E 170 -12.19 35.80 -15.09
CA SER E 170 -13.52 35.99 -15.66
C SER E 170 -14.00 37.43 -15.67
N GLY E 171 -14.18 38.03 -14.58
N LYS F 2 -14.56 9.24 -27.90
CA LYS F 2 -13.23 8.75 -28.36
C LYS F 2 -13.07 7.27 -28.00
N LEU F 3 -14.08 6.71 -27.36
CA LEU F 3 -14.05 5.31 -26.96
C LEU F 3 -15.30 4.59 -27.44
N SER F 4 -15.14 3.31 -27.74
CA SER F 4 -16.25 2.52 -28.21
C SER F 4 -16.43 1.32 -27.29
N PRO F 5 -17.55 0.58 -27.45
CA PRO F 5 -17.83 -0.58 -26.62
C PRO F 5 -16.94 -1.77 -26.98
N GLY F 6 -16.35 -1.73 -28.18
CA GLY F 6 -15.48 -2.82 -28.60
C GLY F 6 -15.93 -3.50 -29.89
N LYS F 7 -14.96 -3.88 -30.71
CA LYS F 7 -15.23 -4.52 -31.99
C LYS F 7 -15.89 -5.89 -31.82
N ASN F 8 -15.75 -6.50 -30.65
CA ASN F 8 -16.34 -7.82 -30.42
C ASN F 8 -17.56 -7.83 -29.48
N ALA F 9 -18.16 -6.66 -29.27
CA ALA F 9 -19.33 -6.58 -28.42
C ALA F 9 -20.40 -7.49 -29.02
N PRO F 10 -21.21 -8.15 -28.18
CA PRO F 10 -21.18 -8.12 -26.71
C PRO F 10 -20.36 -9.24 -26.06
N ASP F 11 -19.66 -10.03 -26.87
CA ASP F 11 -18.87 -11.13 -26.32
C ASP F 11 -17.69 -10.64 -25.47
N VAL F 12 -17.13 -9.50 -25.87
CA VAL F 12 -16.03 -8.87 -25.16
C VAL F 12 -16.27 -7.38 -25.30
N VAL F 13 -16.32 -6.66 -24.18
CA VAL F 13 -16.53 -5.23 -24.26
C VAL F 13 -15.52 -4.41 -23.47
N ASN F 14 -15.42 -3.12 -23.83
CA ASN F 14 -14.50 -2.20 -23.17
C ASN F 14 -15.19 -1.64 -21.95
N VAL F 15 -14.45 -1.55 -20.85
CA VAL F 15 -14.98 -1.00 -19.62
C VAL F 15 -13.99 0.07 -19.15
N LEU F 16 -14.46 1.30 -18.98
CA LEU F 16 -13.63 2.38 -18.50
C LEU F 16 -13.77 2.33 -16.97
N VAL F 17 -12.71 1.99 -16.26
CA VAL F 17 -12.79 1.91 -14.80
C VAL F 17 -12.92 3.26 -14.09
N GLU F 18 -13.84 3.35 -13.14
CA GLU F 18 -14.06 4.57 -12.38
C GLU F 18 -13.63 4.35 -10.94
N ILE F 19 -14.04 3.22 -10.37
CA ILE F 19 -13.71 2.90 -8.99
C ILE F 19 -12.86 1.66 -8.86
N PRO F 20 -11.62 1.83 -8.41
CA PRO F 20 -10.78 0.64 -8.26
C PRO F 20 -11.32 -0.23 -7.14
N GLN F 21 -11.09 -1.52 -7.26
CA GLN F 21 -11.55 -2.46 -6.26
C GLN F 21 -10.90 -2.17 -4.91
N GLY F 22 -11.67 -2.37 -3.84
CA GLY F 22 -11.17 -2.11 -2.50
C GLY F 22 -11.38 -0.67 -2.08
N SER F 23 -11.69 0.19 -3.04
CA SER F 23 -11.91 1.61 -2.77
C SER F 23 -13.17 1.88 -1.95
N ASN F 24 -13.13 2.98 -1.21
CA ASN F 24 -14.27 3.39 -0.41
C ASN F 24 -14.63 4.84 -0.77
N ILE F 25 -14.11 5.28 -1.91
CA ILE F 25 -14.35 6.62 -2.44
C ILE F 25 -15.06 6.42 -3.78
N LYS F 26 -16.24 7.00 -3.92
CA LYS F 26 -16.98 6.86 -5.15
C LYS F 26 -16.57 7.87 -6.21
N TYR F 27 -15.72 7.43 -7.14
CA TYR F 27 -15.27 8.27 -8.23
C TYR F 27 -16.30 8.19 -9.35
N GLU F 28 -16.35 9.26 -10.14
CA GLU F 28 -17.30 9.41 -11.23
C GLU F 28 -16.63 10.02 -12.46
N TYR F 29 -16.73 9.34 -13.60
CA TYR F 29 -16.13 9.92 -14.79
C TYR F 29 -17.12 10.92 -15.39
N ASP F 30 -16.65 12.15 -15.58
CA ASP F 30 -17.49 13.20 -16.16
C ASP F 30 -17.05 13.41 -17.61
N ASP F 31 -17.83 12.88 -18.55
CA ASP F 31 -17.53 12.99 -19.98
C ASP F 31 -17.48 14.43 -20.45
N GLU F 32 -18.30 15.30 -19.86
CA GLU F 32 -18.30 16.70 -20.22
C GLU F 32 -16.92 17.31 -19.95
N GLU F 33 -16.59 17.50 -18.68
CA GLU F 33 -15.31 18.06 -18.28
C GLU F 33 -14.15 17.14 -18.66
N GLY F 34 -14.46 15.86 -18.86
CA GLY F 34 -13.46 14.89 -19.23
C GLY F 34 -12.51 14.52 -18.08
N VAL F 35 -13.01 14.54 -16.86
CA VAL F 35 -12.19 14.21 -15.69
C VAL F 35 -12.87 13.23 -14.77
N ILE F 36 -12.11 12.65 -13.85
CA ILE F 36 -12.62 11.73 -12.87
C ILE F 36 -12.90 12.59 -11.64
N LYS F 37 -14.16 12.69 -11.25
CA LYS F 37 -14.52 13.48 -10.09
C LYS F 37 -14.70 12.60 -8.86
N VAL F 38 -14.69 13.23 -7.71
CA VAL F 38 -14.95 12.52 -6.47
C VAL F 38 -16.39 12.87 -6.12
N ASP F 39 -17.30 11.92 -6.35
CA ASP F 39 -18.71 12.15 -6.04
C ASP F 39 -18.87 12.26 -4.53
N ARG F 40 -18.32 11.28 -3.82
CA ARG F 40 -18.38 11.27 -2.38
C ARG F 40 -17.56 10.14 -1.82
N VAL F 41 -17.40 10.18 -0.50
CA VAL F 41 -16.66 9.17 0.23
C VAL F 41 -17.72 8.37 1.01
N LEU F 42 -17.91 7.10 0.65
CA LEU F 42 -18.90 6.25 1.28
C LEU F 42 -19.08 6.58 2.76
N TYR F 43 -20.33 6.84 3.17
CA TYR F 43 -20.65 7.17 4.56
C TYR F 43 -20.57 5.93 5.46
N THR F 44 -20.54 4.75 4.84
CA THR F 44 -20.47 3.52 5.59
C THR F 44 -19.06 2.97 5.50
N SER F 45 -18.71 2.10 6.44
CA SER F 45 -17.40 1.50 6.47
C SER F 45 -17.32 0.28 5.56
N MET F 46 -17.61 0.49 4.28
CA MET F 46 -17.56 -0.57 3.28
C MET F 46 -16.64 -0.17 2.13
N ASN F 47 -16.40 -1.10 1.21
CA ASN F 47 -15.57 -0.80 0.05
C ASN F 47 -15.98 -1.69 -1.12
N TYR F 48 -15.84 -1.15 -2.32
CA TYR F 48 -16.23 -1.85 -3.53
C TYR F 48 -15.54 -3.21 -3.68
N PRO F 49 -16.33 -4.30 -3.70
CA PRO F 49 -15.82 -5.66 -3.84
C PRO F 49 -15.52 -6.03 -5.30
N PHE F 50 -15.29 -5.01 -6.11
CA PHE F 50 -15.00 -5.19 -7.53
C PHE F 50 -14.60 -3.84 -8.15
N ASN F 51 -14.05 -3.90 -9.35
CA ASN F 51 -13.68 -2.67 -10.05
C ASN F 51 -14.98 -2.24 -10.70
N TYR F 52 -15.33 -0.98 -10.56
CA TYR F 52 -16.58 -0.48 -11.11
C TYR F 52 -16.35 0.50 -12.24
N GLY F 53 -17.18 0.41 -13.27
CA GLY F 53 -17.06 1.29 -14.42
C GLY F 53 -18.25 1.14 -15.35
N PHE F 54 -18.13 1.70 -16.56
CA PHE F 54 -19.20 1.62 -17.54
C PHE F 54 -18.69 1.32 -18.93
N ILE F 55 -19.55 0.78 -19.78
CA ILE F 55 -19.19 0.46 -21.15
C ILE F 55 -19.42 1.72 -21.97
N PRO F 56 -18.34 2.34 -22.49
CA PRO F 56 -18.54 3.56 -23.28
C PRO F 56 -19.34 3.28 -24.54
N GLY F 57 -20.12 4.26 -24.98
CA GLY F 57 -20.90 4.06 -26.18
C GLY F 57 -22.16 3.23 -26.04
N THR F 58 -22.75 3.22 -24.86
CA THR F 58 -23.98 2.48 -24.59
C THR F 58 -24.92 3.40 -23.86
N LEU F 59 -26.22 3.15 -24.00
CA LEU F 59 -27.23 3.96 -23.33
C LEU F 59 -28.38 3.11 -22.84
N GLU F 60 -28.74 3.30 -21.57
CA GLU F 60 -29.84 2.55 -20.96
C GLU F 60 -31.06 3.45 -20.89
N GLU F 61 -32.21 2.85 -20.55
CA GLU F 61 -33.47 3.59 -20.44
C GLU F 61 -33.39 4.72 -19.42
N ASP F 62 -32.43 4.64 -18.50
CA ASP F 62 -32.27 5.66 -17.46
C ASP F 62 -31.40 6.81 -17.94
N GLY F 63 -31.07 6.81 -19.23
CA GLY F 63 -30.27 7.86 -19.80
C GLY F 63 -28.78 7.78 -19.54
N ASP F 64 -28.36 6.75 -18.81
CA ASP F 64 -26.95 6.55 -18.49
C ASP F 64 -26.36 5.35 -19.20
N PRO F 65 -25.02 5.32 -19.36
CA PRO F 65 -24.39 4.18 -20.02
C PRO F 65 -24.56 2.97 -19.12
N LEU F 66 -24.35 1.78 -19.67
CA LEU F 66 -24.49 0.54 -18.92
C LEU F 66 -23.30 0.30 -17.99
N ASP F 67 -23.57 0.05 -16.71
CA ASP F 67 -22.52 -0.20 -15.72
C ASP F 67 -22.00 -1.63 -15.76
N VAL F 68 -20.78 -1.81 -15.25
CA VAL F 68 -20.17 -3.12 -15.19
C VAL F 68 -19.41 -3.32 -13.87
N LEU F 69 -19.54 -4.52 -13.31
CA LEU F 69 -18.86 -4.89 -12.08
C LEU F 69 -17.75 -5.83 -12.55
N VAL F 70 -16.54 -5.31 -12.68
CA VAL F 70 -15.43 -6.13 -13.13
C VAL F 70 -14.82 -6.87 -11.94
N ILE F 71 -14.84 -8.19 -12.00
CA ILE F 71 -14.33 -9.01 -10.91
C ILE F 71 -12.92 -9.49 -11.17
N THR F 72 -12.00 -9.10 -10.28
CA THR F 72 -10.59 -9.48 -10.37
C THR F 72 -10.07 -9.51 -8.94
N ASN F 73 -8.82 -9.89 -8.73
CA ASN F 73 -8.26 -9.90 -7.39
C ASN F 73 -7.13 -8.88 -7.32
N TYR F 74 -7.34 -7.77 -8.01
CA TYR F 74 -6.37 -6.68 -8.06
C TYR F 74 -7.11 -5.43 -8.48
N GLN F 75 -6.53 -4.27 -8.20
CA GLN F 75 -7.18 -3.03 -8.58
C GLN F 75 -6.60 -2.46 -9.86
N LEU F 76 -7.45 -1.72 -10.57
CA LEU F 76 -7.08 -1.07 -11.80
C LEU F 76 -7.12 0.42 -11.52
N TYR F 77 -6.43 1.21 -12.34
CA TYR F 77 -6.39 2.66 -12.12
C TYR F 77 -7.62 3.37 -12.66
N PRO F 78 -8.16 4.30 -11.87
CA PRO F 78 -9.33 5.04 -12.34
C PRO F 78 -9.02 5.64 -13.70
N GLY F 79 -9.93 5.50 -14.65
CA GLY F 79 -9.69 6.07 -15.97
C GLY F 79 -9.01 5.15 -16.96
N SER F 80 -8.70 3.93 -16.54
CA SER F 80 -8.08 2.97 -17.45
C SER F 80 -9.15 2.09 -18.07
N VAL F 81 -8.88 1.56 -19.26
CA VAL F 81 -9.85 0.72 -19.94
C VAL F 81 -9.39 -0.72 -19.92
N ILE F 82 -10.33 -1.63 -19.68
CA ILE F 82 -10.01 -3.06 -19.66
C ILE F 82 -11.06 -3.81 -20.49
N GLU F 83 -10.66 -4.90 -21.14
CA GLU F 83 -11.58 -5.70 -21.95
C GLU F 83 -12.12 -6.85 -21.12
N VAL F 84 -13.44 -6.88 -20.96
CA VAL F 84 -14.08 -7.92 -20.16
C VAL F 84 -15.03 -8.83 -20.90
N ARG F 85 -15.37 -9.92 -20.23
CA ARG F 85 -16.29 -10.93 -20.73
C ARG F 85 -17.53 -10.87 -19.83
N PRO F 86 -18.69 -10.51 -20.38
CA PRO F 86 -19.84 -10.48 -19.48
C PRO F 86 -20.18 -11.90 -19.05
N ILE F 87 -20.44 -12.11 -17.76
CA ILE F 87 -20.80 -13.44 -17.28
C ILE F 87 -22.18 -13.45 -16.63
N GLY F 88 -22.78 -12.26 -16.52
CA GLY F 88 -24.08 -12.18 -15.89
C GLY F 88 -24.57 -10.76 -15.80
N ILE F 89 -25.69 -10.59 -15.10
CA ILE F 89 -26.30 -9.28 -14.91
C ILE F 89 -26.98 -9.27 -13.55
N LEU F 90 -26.99 -8.10 -12.90
CA LEU F 90 -27.60 -7.98 -11.59
C LEU F 90 -28.75 -6.98 -11.68
N TYR F 91 -29.94 -7.43 -11.30
CA TYR F 91 -31.15 -6.60 -11.34
C TYR F 91 -31.44 -6.03 -9.96
N MET F 92 -31.74 -4.73 -9.92
CA MET F 92 -32.00 -4.08 -8.65
C MET F 92 -32.93 -2.89 -8.79
N LYS F 93 -33.38 -2.43 -7.62
CA LYS F 93 -34.29 -1.30 -7.48
C LYS F 93 -33.77 -0.32 -6.44
N ASP F 94 -33.71 0.97 -6.81
CA ASP F 94 -33.27 1.99 -5.87
C ASP F 94 -34.27 3.14 -5.81
N GLU F 95 -33.93 4.19 -5.08
CA GLU F 95 -34.81 5.35 -4.93
C GLU F 95 -35.21 5.97 -6.26
N GLU F 96 -34.37 5.77 -7.28
CA GLU F 96 -34.62 6.33 -8.61
C GLU F 96 -35.45 5.42 -9.50
N GLY F 97 -35.51 4.14 -9.15
CA GLY F 97 -36.26 3.19 -9.93
C GLY F 97 -35.53 1.90 -10.24
N GLU F 98 -35.78 1.36 -11.42
CA GLU F 98 -35.15 0.12 -11.85
C GLU F 98 -33.73 0.33 -12.34
N ASP F 99 -32.93 -0.71 -12.20
CA ASP F 99 -31.55 -0.67 -12.66
C ASP F 99 -30.95 -2.06 -12.84
N ALA F 100 -30.02 -2.16 -13.78
CA ALA F 100 -29.33 -3.42 -14.07
C ALA F 100 -27.84 -3.12 -14.26
N LYS F 101 -27.00 -3.99 -13.73
CA LYS F 101 -25.56 -3.84 -13.82
C LYS F 101 -24.91 -5.13 -14.31
N ILE F 102 -24.09 -5.02 -15.36
CA ILE F 102 -23.42 -6.19 -15.92
C ILE F 102 -22.35 -6.69 -14.96
N VAL F 103 -22.15 -8.02 -14.93
CA VAL F 103 -21.10 -8.60 -14.09
C VAL F 103 -20.12 -9.25 -15.08
N ALA F 104 -18.85 -8.92 -14.97
CA ALA F 104 -17.87 -9.48 -15.92
C ALA F 104 -16.51 -9.79 -15.30
N VAL F 105 -15.73 -10.58 -16.01
CA VAL F 105 -14.36 -10.92 -15.60
C VAL F 105 -13.48 -10.49 -16.78
N PRO F 106 -12.16 -10.33 -16.55
CA PRO F 106 -11.31 -9.92 -17.67
C PRO F 106 -11.34 -10.93 -18.80
N LYS F 107 -11.19 -10.46 -20.04
CA LYS F 107 -11.19 -11.38 -21.17
C LYS F 107 -10.01 -12.35 -21.00
N ASP F 108 -10.16 -13.57 -21.46
CA ASP F 108 -9.14 -14.61 -21.30
C ASP F 108 -7.69 -14.27 -21.54
N LYS F 109 -7.39 -13.59 -22.65
CA LYS F 109 -6.00 -13.24 -22.92
C LYS F 109 -5.47 -12.28 -21.85
N THR F 110 -6.33 -11.35 -21.43
CA THR F 110 -5.94 -10.36 -20.42
C THR F 110 -5.61 -11.03 -19.08
N ASP F 111 -6.40 -12.03 -18.69
CA ASP F 111 -6.16 -12.73 -17.43
C ASP F 111 -6.74 -14.13 -17.50
N PRO F 112 -5.95 -15.09 -17.95
CA PRO F 112 -6.38 -16.48 -18.07
C PRO F 112 -6.79 -17.19 -16.78
N SER F 113 -6.66 -16.53 -15.63
CA SER F 113 -7.05 -17.22 -14.39
C SER F 113 -8.55 -17.11 -14.09
N PHE F 114 -9.29 -16.46 -14.98
CA PHE F 114 -10.74 -16.32 -14.81
C PHE F 114 -11.45 -17.04 -15.95
N SER F 115 -10.70 -17.85 -16.69
CA SER F 115 -11.23 -18.58 -17.83
C SER F 115 -12.30 -19.61 -17.49
N ASN F 116 -12.24 -20.14 -16.28
CA ASN F 116 -13.19 -21.16 -15.83
C ASN F 116 -14.53 -20.58 -15.36
N ILE F 117 -14.56 -19.26 -15.19
CA ILE F 117 -15.76 -18.56 -14.77
C ILE F 117 -16.44 -18.09 -16.06
N LYS F 118 -17.38 -18.86 -16.58
CA LYS F 118 -18.06 -18.49 -17.82
C LYS F 118 -19.46 -17.91 -17.63
N ASP F 119 -20.05 -18.17 -16.46
CA ASP F 119 -21.38 -17.67 -16.15
C ASP F 119 -21.54 -17.35 -14.67
N ILE F 120 -22.56 -16.54 -14.37
CA ILE F 120 -22.85 -16.12 -13.01
C ILE F 120 -22.90 -17.24 -11.99
N ASN F 121 -23.28 -18.46 -12.41
CA ASN F 121 -23.35 -19.59 -11.49
C ASN F 121 -21.99 -20.21 -11.21
N ASP F 122 -20.95 -19.65 -11.84
CA ASP F 122 -19.59 -20.12 -11.64
C ASP F 122 -18.96 -19.41 -10.45
N LEU F 123 -19.60 -18.32 -10.02
CA LEU F 123 -19.11 -17.57 -8.87
C LEU F 123 -19.52 -18.22 -7.55
N PRO F 124 -18.61 -18.27 -6.58
CA PRO F 124 -18.94 -18.88 -5.29
C PRO F 124 -20.16 -18.19 -4.68
N GLN F 125 -20.99 -18.93 -3.97
CA GLN F 125 -22.17 -18.35 -3.34
C GLN F 125 -21.77 -17.18 -2.43
N ALA F 126 -20.68 -17.39 -1.70
CA ALA F 126 -20.17 -16.36 -0.78
C ALA F 126 -19.88 -15.04 -1.49
N THR F 127 -19.33 -15.11 -2.69
CA THR F 127 -19.02 -13.91 -3.45
C THR F 127 -20.28 -13.18 -3.88
N LYS F 128 -21.30 -13.93 -4.27
CA LYS F 128 -22.56 -13.33 -4.69
C LYS F 128 -23.24 -12.65 -3.51
N ASN F 129 -23.22 -13.33 -2.36
CA ASN F 129 -23.82 -12.77 -1.16
C ASN F 129 -23.14 -11.47 -0.75
N LYS F 130 -21.81 -11.44 -0.87
CA LYS F 130 -21.04 -10.26 -0.54
C LYS F 130 -21.45 -9.08 -1.42
N ILE F 131 -21.50 -9.32 -2.73
CA ILE F 131 -21.88 -8.29 -3.68
C ILE F 131 -23.30 -7.78 -3.41
N VAL F 132 -24.23 -8.69 -3.23
CA VAL F 132 -25.61 -8.30 -2.94
C VAL F 132 -25.70 -7.47 -1.67
N HIS F 133 -25.06 -7.97 -0.61
CA HIS F 133 -25.06 -7.27 0.68
C HIS F 133 -24.46 -5.87 0.52
N PHE F 134 -23.41 -5.76 -0.29
CA PHE F 134 -22.76 -4.46 -0.51
C PHE F 134 -23.74 -3.43 -1.06
N PHE F 135 -24.37 -3.76 -2.17
CA PHE F 135 -25.31 -2.83 -2.79
C PHE F 135 -26.47 -2.45 -1.88
N GLU F 136 -26.89 -3.39 -1.04
CA GLU F 136 -28.02 -3.14 -0.15
C GLU F 136 -27.69 -2.38 1.12
N HIS F 137 -26.41 -2.12 1.38
CA HIS F 137 -26.05 -1.41 2.60
C HIS F 137 -25.09 -0.23 2.48
N TYR F 138 -24.37 -0.13 1.37
CA TYR F 138 -23.40 0.96 1.24
C TYR F 138 -23.98 2.39 1.16
N LYS F 139 -25.25 2.53 0.80
CA LYS F 139 -25.87 3.86 0.72
C LYS F 139 -26.84 4.13 1.88
N GLU F 140 -27.07 3.12 2.70
CA GLU F 140 -27.98 3.21 3.84
C GLU F 140 -27.94 4.51 4.61
N LEU F 141 -26.74 4.91 5.04
CA LEU F 141 -26.56 6.14 5.81
C LEU F 141 -26.80 7.41 5.02
N GLU F 142 -27.03 7.29 3.73
CA GLU F 142 -27.29 8.47 2.91
C GLU F 142 -28.80 8.72 2.94
N PRO F 143 -29.21 9.93 3.34
CA PRO F 143 -30.62 10.34 3.44
C PRO F 143 -31.47 10.13 2.18
N GLY F 144 -32.48 9.29 2.31
CA GLY F 144 -33.40 9.03 1.21
C GLY F 144 -32.95 8.09 0.10
N LYS F 145 -31.81 7.44 0.30
CA LYS F 145 -31.29 6.51 -0.68
C LYS F 145 -31.52 5.10 -0.21
N TYR F 146 -31.62 4.17 -1.14
CA TYR F 146 -31.80 2.77 -0.80
C TYR F 146 -31.68 1.91 -2.04
N VAL F 147 -31.37 0.64 -1.84
CA VAL F 147 -31.22 -0.31 -2.93
C VAL F 147 -31.73 -1.69 -2.53
N LYS F 148 -32.44 -2.35 -3.44
CA LYS F 148 -32.96 -3.68 -3.19
C LYS F 148 -32.67 -4.54 -4.42
N ILE F 149 -31.98 -5.64 -4.22
CA ILE F 149 -31.62 -6.54 -5.32
C ILE F 149 -32.79 -7.43 -5.74
N SER F 150 -33.13 -7.38 -7.02
CA SER F 150 -34.22 -8.18 -7.56
C SER F 150 -33.74 -9.60 -7.79
N GLY F 151 -32.64 -9.74 -8.54
CA GLY F 151 -32.10 -11.06 -8.82
C GLY F 151 -30.96 -11.03 -9.83
N TRP F 152 -30.48 -12.20 -10.21
CA TRP F 152 -29.39 -12.33 -11.16
C TRP F 152 -29.83 -12.82 -12.53
N GLY F 153 -29.00 -12.54 -13.53
CA GLY F 153 -29.29 -12.98 -14.89
C GLY F 153 -28.08 -13.73 -15.42
N SER F 154 -28.30 -14.56 -16.43
CA SER F 154 -27.21 -15.35 -17.02
C SER F 154 -26.39 -14.51 -18.02
N ALA F 155 -25.28 -15.09 -18.47
CA ALA F 155 -24.40 -14.41 -19.41
C ALA F 155 -25.13 -14.03 -20.70
N THR F 156 -25.97 -14.95 -21.19
CA THR F 156 -26.73 -14.71 -22.42
C THR F 156 -27.61 -13.49 -22.25
N GLU F 157 -28.23 -13.41 -21.09
CA GLU F 157 -29.10 -12.30 -20.74
C GLU F 157 -28.29 -11.01 -20.80
N ALA F 158 -27.15 -11.02 -20.11
CA ALA F 158 -26.26 -9.87 -20.07
C ALA F 158 -25.84 -9.43 -21.47
N LYS F 159 -25.47 -10.38 -22.32
CA LYS F 159 -25.05 -10.08 -23.68
C LYS F 159 -26.13 -9.33 -24.47
N ASN F 160 -27.39 -9.65 -24.17
CA ASN F 160 -28.52 -9.01 -24.84
C ASN F 160 -28.67 -7.56 -24.38
N ARG F 161 -28.62 -7.37 -23.07
CA ARG F 161 -28.74 -6.04 -22.49
C ARG F 161 -27.71 -5.12 -23.13
N ILE F 162 -26.50 -5.66 -23.31
CA ILE F 162 -25.41 -4.90 -23.91
C ILE F 162 -25.73 -4.58 -25.37
N GLN F 163 -26.32 -5.54 -26.07
CA GLN F 163 -26.68 -5.34 -27.47
C GLN F 163 -27.65 -4.17 -27.65
N LEU F 164 -28.70 -4.15 -26.83
CA LEU F 164 -29.69 -3.09 -26.88
C LEU F 164 -29.04 -1.77 -26.53
N ALA F 165 -28.34 -1.75 -25.40
CA ALA F 165 -27.66 -0.55 -24.93
C ALA F 165 -26.78 0.06 -26.00
N ILE F 166 -26.18 -0.79 -26.84
CA ILE F 166 -25.32 -0.30 -27.91
C ILE F 166 -26.18 0.24 -29.07
N LYS F 167 -27.23 -0.47 -29.45
CA LYS F 167 -28.09 -0.03 -30.54
C LYS F 167 -28.78 1.29 -30.24
N ARG F 168 -29.16 1.52 -28.98
CA ARG F 168 -29.80 2.78 -28.59
C ARG F 168 -28.94 3.94 -29.03
N VAL F 169 -27.63 3.79 -28.85
CA VAL F 169 -26.70 4.85 -29.22
C VAL F 169 -26.33 4.78 -30.69
N SER F 170 -26.01 3.58 -31.17
CA SER F 170 -25.64 3.37 -32.57
C SER F 170 -26.76 3.81 -33.52
N GLY F 171 -27.05 5.03 -33.56
#